data_2G0C
# 
_entry.id   2G0C 
# 
_audit_conform.dict_name       mmcif_pdbx.dic 
_audit_conform.dict_version    5.389 
_audit_conform.dict_location   http://mmcif.pdb.org/dictionaries/ascii/mmcif_pdbx.dic 
# 
loop_
_database_2.database_id 
_database_2.database_code 
_database_2.pdbx_database_accession 
_database_2.pdbx_DOI 
PDB   2G0C         pdb_00002g0c 10.2210/pdb2g0c/pdb 
RCSB  RCSB036528   ?            ?                   
WWPDB D_1000036528 ?            ?                   
# 
loop_
_pdbx_audit_revision_history.ordinal 
_pdbx_audit_revision_history.data_content_type 
_pdbx_audit_revision_history.major_revision 
_pdbx_audit_revision_history.minor_revision 
_pdbx_audit_revision_history.revision_date 
1 'Structure model' 1 0 2006-04-18 
2 'Structure model' 1 1 2008-05-01 
3 'Structure model' 1 2 2011-07-13 
4 'Structure model' 1 3 2017-10-18 
5 'Structure model' 1 4 2024-02-14 
6 'Structure model' 1 5 2024-04-03 
# 
_pdbx_audit_revision_details.ordinal             1 
_pdbx_audit_revision_details.revision_ordinal    1 
_pdbx_audit_revision_details.data_content_type   'Structure model' 
_pdbx_audit_revision_details.provider            repository 
_pdbx_audit_revision_details.type                'Initial release' 
_pdbx_audit_revision_details.description         ? 
_pdbx_audit_revision_details.details             ? 
# 
loop_
_pdbx_audit_revision_group.ordinal 
_pdbx_audit_revision_group.revision_ordinal 
_pdbx_audit_revision_group.data_content_type 
_pdbx_audit_revision_group.group 
1 2 'Structure model' 'Version format compliance' 
2 3 'Structure model' 'Derived calculations'      
3 3 'Structure model' 'Version format compliance' 
4 4 'Structure model' 'Refinement description'    
5 5 'Structure model' 'Data collection'           
6 5 'Structure model' 'Database references'       
7 5 'Structure model' 'Derived calculations'      
8 6 'Structure model' 'Refinement description'    
# 
loop_
_pdbx_audit_revision_category.ordinal 
_pdbx_audit_revision_category.revision_ordinal 
_pdbx_audit_revision_category.data_content_type 
_pdbx_audit_revision_category.category 
1 4 'Structure model' software                      
2 5 'Structure model' chem_comp_atom                
3 5 'Structure model' chem_comp_bond                
4 5 'Structure model' database_2                    
5 5 'Structure model' struct_site                   
6 6 'Structure model' pdbx_initial_refinement_model 
# 
loop_
_pdbx_audit_revision_item.ordinal 
_pdbx_audit_revision_item.revision_ordinal 
_pdbx_audit_revision_item.data_content_type 
_pdbx_audit_revision_item.item 
1  4 'Structure model' '_software.classification'            
2  4 'Structure model' '_software.contact_author'            
3  4 'Structure model' '_software.contact_author_email'      
4  4 'Structure model' '_software.date'                      
5  4 'Structure model' '_software.language'                  
6  4 'Structure model' '_software.location'                  
7  4 'Structure model' '_software.name'                      
8  4 'Structure model' '_software.type'                      
9  4 'Structure model' '_software.version'                   
10 5 'Structure model' '_database_2.pdbx_DOI'                
11 5 'Structure model' '_database_2.pdbx_database_accession' 
12 5 'Structure model' '_struct_site.pdbx_auth_asym_id'      
13 5 'Structure model' '_struct_site.pdbx_auth_comp_id'      
14 5 'Structure model' '_struct_site.pdbx_auth_seq_id'       
# 
_pdbx_database_status.entry_id                        2G0C 
_pdbx_database_status.deposit_site                    RCSB 
_pdbx_database_status.process_site                    RCSB 
_pdbx_database_status.recvd_initial_deposition_date   2006-02-11 
_pdbx_database_status.status_code                     REL 
_pdbx_database_status.status_code_sf                  REL 
_pdbx_database_status.status_code_mr                  ? 
_pdbx_database_status.SG_entry                        ? 
_pdbx_database_status.pdb_format_compatible           Y 
_pdbx_database_status.status_code_cs                  ? 
_pdbx_database_status.methods_development_category    ? 
_pdbx_database_status.status_code_nmr_data            ? 
# 
_audit_author.name           'McKay, D.B.' 
_audit_author.pdbx_ordinal   1 
# 
_citation.id                        primary 
_citation.title                     
;The domain of the Bacillus subtilis DEAD-box helicase YxiN that is responsible for specific binding of 23S rRNA has an RNA recognition motif fold.
;
_citation.journal_abbrev            RNA 
_citation.journal_volume            12 
_citation.page_first                959 
_citation.page_last                 967 
_citation.year                      2006 
_citation.journal_id_ASTM           RNARFU 
_citation.country                   UK 
_citation.journal_id_ISSN           1355-8382 
_citation.journal_id_CSD            2122 
_citation.book_publisher            ? 
_citation.pdbx_database_id_PubMed   16611943 
_citation.pdbx_database_id_DOI      10.1261/rna.5906 
# 
loop_
_citation_author.citation_id 
_citation_author.name 
_citation_author.ordinal 
_citation_author.identifier_ORCID 
primary 'Wang, S.'        1 ? 
primary 'Hu, Y.'          2 ? 
primary 'Overgaard, M.T.' 3 ? 
primary 'Karginov, F.V.'  4 ? 
primary 'Uhlenbeck, O.C.' 5 ? 
primary 'McKay, D.B.'     6 ? 
# 
loop_
_entity.id 
_entity.type 
_entity.src_method 
_entity.pdbx_description 
_entity.formula_weight 
_entity.pdbx_number_of_molecules 
_entity.pdbx_ec 
_entity.pdbx_mutation 
_entity.pdbx_fragment 
_entity.details 
1 polymer     man 'ATP-dependent RNA helicase dbpA' 8291.884 1  3.6.1.- ? 'RNA binding domain' ? 
2 non-polymer syn 'SULFATE ION'                     96.063   2  ?       ? ?                    ? 
3 water       nat water                             18.015   48 ?       ? ?                    ? 
# 
_entity_poly.entity_id                      1 
_entity_poly.type                           'polypeptide(L)' 
_entity_poly.nstd_linkage                   no 
_entity_poly.nstd_monomer                   no 
_entity_poly.pdbx_seq_one_letter_code       MKLYFNGGKKKKIRAVDFVGTIAKIDGVSADDIGIITIMDNASYVEILNGKGPHVLKVMKNTTVKGKQLKVNKANK 
_entity_poly.pdbx_seq_one_letter_code_can   MKLYFNGGKKKKIRAVDFVGTIAKIDGVSADDIGIITIMDNASYVEILNGKGPHVLKVMKNTTVKGKQLKVNKANK 
_entity_poly.pdbx_strand_id                 A 
_entity_poly.pdbx_target_identifier         ? 
# 
loop_
_pdbx_entity_nonpoly.entity_id 
_pdbx_entity_nonpoly.name 
_pdbx_entity_nonpoly.comp_id 
2 'SULFATE ION' SO4 
3 water         HOH 
# 
loop_
_entity_poly_seq.entity_id 
_entity_poly_seq.num 
_entity_poly_seq.mon_id 
_entity_poly_seq.hetero 
1 1  MET n 
1 2  LYS n 
1 3  LEU n 
1 4  TYR n 
1 5  PHE n 
1 6  ASN n 
1 7  GLY n 
1 8  GLY n 
1 9  LYS n 
1 10 LYS n 
1 11 LYS n 
1 12 LYS n 
1 13 ILE n 
1 14 ARG n 
1 15 ALA n 
1 16 VAL n 
1 17 ASP n 
1 18 PHE n 
1 19 VAL n 
1 20 GLY n 
1 21 THR n 
1 22 ILE n 
1 23 ALA n 
1 24 LYS n 
1 25 ILE n 
1 26 ASP n 
1 27 GLY n 
1 28 VAL n 
1 29 SER n 
1 30 ALA n 
1 31 ASP n 
1 32 ASP n 
1 33 ILE n 
1 34 GLY n 
1 35 ILE n 
1 36 ILE n 
1 37 THR n 
1 38 ILE n 
1 39 MET n 
1 40 ASP n 
1 41 ASN n 
1 42 ALA n 
1 43 SER n 
1 44 TYR n 
1 45 VAL n 
1 46 GLU n 
1 47 ILE n 
1 48 LEU n 
1 49 ASN n 
1 50 GLY n 
1 51 LYS n 
1 52 GLY n 
1 53 PRO n 
1 54 HIS n 
1 55 VAL n 
1 56 LEU n 
1 57 LYS n 
1 58 VAL n 
1 59 MET n 
1 60 LYS n 
1 61 ASN n 
1 62 THR n 
1 63 THR n 
1 64 VAL n 
1 65 LYS n 
1 66 GLY n 
1 67 LYS n 
1 68 GLN n 
1 69 LEU n 
1 70 LYS n 
1 71 VAL n 
1 72 ASN n 
1 73 LYS n 
1 74 ALA n 
1 75 ASN n 
1 76 LYS n 
# 
_entity_src_gen.entity_id                          1 
_entity_src_gen.pdbx_src_id                        1 
_entity_src_gen.pdbx_alt_source_flag               sample 
_entity_src_gen.pdbx_seq_type                      ? 
_entity_src_gen.pdbx_beg_seq_num                   ? 
_entity_src_gen.pdbx_end_seq_num                   ? 
_entity_src_gen.gene_src_common_name               ? 
_entity_src_gen.gene_src_genus                     Bacillus 
_entity_src_gen.pdbx_gene_src_gene                 'dbpA, deaD' 
_entity_src_gen.gene_src_species                   ? 
_entity_src_gen.gene_src_strain                    ? 
_entity_src_gen.gene_src_tissue                    ? 
_entity_src_gen.gene_src_tissue_fraction           ? 
_entity_src_gen.gene_src_details                   ? 
_entity_src_gen.pdbx_gene_src_fragment             ? 
_entity_src_gen.pdbx_gene_src_scientific_name      'Bacillus subtilis' 
_entity_src_gen.pdbx_gene_src_ncbi_taxonomy_id     1423 
_entity_src_gen.pdbx_gene_src_variant              ? 
_entity_src_gen.pdbx_gene_src_cell_line            ? 
_entity_src_gen.pdbx_gene_src_atcc                 ? 
_entity_src_gen.pdbx_gene_src_organ                ? 
_entity_src_gen.pdbx_gene_src_organelle            ? 
_entity_src_gen.pdbx_gene_src_cell                 ? 
_entity_src_gen.pdbx_gene_src_cellular_location    ? 
_entity_src_gen.host_org_common_name               ? 
_entity_src_gen.pdbx_host_org_scientific_name      'Escherichia coli' 
_entity_src_gen.pdbx_host_org_ncbi_taxonomy_id     562 
_entity_src_gen.host_org_genus                     Escherichia 
_entity_src_gen.pdbx_host_org_gene                 ? 
_entity_src_gen.pdbx_host_org_organ                ? 
_entity_src_gen.host_org_species                   ? 
_entity_src_gen.pdbx_host_org_tissue               ? 
_entity_src_gen.pdbx_host_org_tissue_fraction      ? 
_entity_src_gen.pdbx_host_org_strain               ? 
_entity_src_gen.pdbx_host_org_variant              ? 
_entity_src_gen.pdbx_host_org_cell_line            ? 
_entity_src_gen.pdbx_host_org_atcc                 ? 
_entity_src_gen.pdbx_host_org_culture_collection   ? 
_entity_src_gen.pdbx_host_org_cell                 ? 
_entity_src_gen.pdbx_host_org_organelle            ? 
_entity_src_gen.pdbx_host_org_cellular_location    ? 
_entity_src_gen.pdbx_host_org_vector_type          ? 
_entity_src_gen.pdbx_host_org_vector               ? 
_entity_src_gen.host_org_details                   ? 
_entity_src_gen.expression_system_id               ? 
_entity_src_gen.plasmid_name                       ? 
_entity_src_gen.plasmid_details                    ? 
_entity_src_gen.pdbx_description                   ? 
# 
loop_
_chem_comp.id 
_chem_comp.type 
_chem_comp.mon_nstd_flag 
_chem_comp.name 
_chem_comp.pdbx_synonyms 
_chem_comp.formula 
_chem_comp.formula_weight 
ALA 'L-peptide linking' y ALANINE         ? 'C3 H7 N O2'     89.093  
ARG 'L-peptide linking' y ARGININE        ? 'C6 H15 N4 O2 1' 175.209 
ASN 'L-peptide linking' y ASPARAGINE      ? 'C4 H8 N2 O3'    132.118 
ASP 'L-peptide linking' y 'ASPARTIC ACID' ? 'C4 H7 N O4'     133.103 
GLN 'L-peptide linking' y GLUTAMINE       ? 'C5 H10 N2 O3'   146.144 
GLU 'L-peptide linking' y 'GLUTAMIC ACID' ? 'C5 H9 N O4'     147.129 
GLY 'peptide linking'   y GLYCINE         ? 'C2 H5 N O2'     75.067  
HIS 'L-peptide linking' y HISTIDINE       ? 'C6 H10 N3 O2 1' 156.162 
HOH non-polymer         . WATER           ? 'H2 O'           18.015  
ILE 'L-peptide linking' y ISOLEUCINE      ? 'C6 H13 N O2'    131.173 
LEU 'L-peptide linking' y LEUCINE         ? 'C6 H13 N O2'    131.173 
LYS 'L-peptide linking' y LYSINE          ? 'C6 H15 N2 O2 1' 147.195 
MET 'L-peptide linking' y METHIONINE      ? 'C5 H11 N O2 S'  149.211 
PHE 'L-peptide linking' y PHENYLALANINE   ? 'C9 H11 N O2'    165.189 
PRO 'L-peptide linking' y PROLINE         ? 'C5 H9 N O2'     115.130 
SER 'L-peptide linking' y SERINE          ? 'C3 H7 N O3'     105.093 
SO4 non-polymer         . 'SULFATE ION'   ? 'O4 S -2'        96.063  
THR 'L-peptide linking' y THREONINE       ? 'C4 H9 N O3'     119.119 
TYR 'L-peptide linking' y TYROSINE        ? 'C9 H11 N O3'    181.189 
VAL 'L-peptide linking' y VALINE          ? 'C5 H11 N O2'    117.146 
# 
loop_
_pdbx_poly_seq_scheme.asym_id 
_pdbx_poly_seq_scheme.entity_id 
_pdbx_poly_seq_scheme.seq_id 
_pdbx_poly_seq_scheme.mon_id 
_pdbx_poly_seq_scheme.ndb_seq_num 
_pdbx_poly_seq_scheme.pdb_seq_num 
_pdbx_poly_seq_scheme.auth_seq_num 
_pdbx_poly_seq_scheme.pdb_mon_id 
_pdbx_poly_seq_scheme.auth_mon_id 
_pdbx_poly_seq_scheme.pdb_strand_id 
_pdbx_poly_seq_scheme.pdb_ins_code 
_pdbx_poly_seq_scheme.hetero 
A 1 1  MET 1  404 404 MET MET A . n 
A 1 2  LYS 2  405 405 LYS LYS A . n 
A 1 3  LEU 3  406 406 LEU LEU A . n 
A 1 4  TYR 4  407 407 TYR TYR A . n 
A 1 5  PHE 5  408 408 PHE PHE A . n 
A 1 6  ASN 6  409 409 ASN ASN A . n 
A 1 7  GLY 7  410 410 GLY GLY A . n 
A 1 8  GLY 8  411 411 GLY GLY A . n 
A 1 9  LYS 9  412 412 LYS LYS A . n 
A 1 10 LYS 10 413 413 LYS LYS A . n 
A 1 11 LYS 11 414 ?   ?   ?   A . n 
A 1 12 LYS 12 415 ?   ?   ?   A . n 
A 1 13 ILE 13 416 ?   ?   ?   A . n 
A 1 14 ARG 14 417 ?   ?   ?   A . n 
A 1 15 ALA 15 418 418 ALA ALA A . n 
A 1 16 VAL 16 419 419 VAL VAL A . n 
A 1 17 ASP 17 420 420 ASP ASP A . n 
A 1 18 PHE 18 421 421 PHE PHE A . n 
A 1 19 VAL 19 422 422 VAL VAL A . n 
A 1 20 GLY 20 423 423 GLY GLY A . n 
A 1 21 THR 21 424 424 THR THR A . n 
A 1 22 ILE 22 425 425 ILE ILE A . n 
A 1 23 ALA 23 426 426 ALA ALA A . n 
A 1 24 LYS 24 427 427 LYS LYS A . n 
A 1 25 ILE 25 428 428 ILE ILE A . n 
A 1 26 ASP 26 429 429 ASP ASP A . n 
A 1 27 GLY 27 430 430 GLY GLY A . n 
A 1 28 VAL 28 431 431 VAL VAL A . n 
A 1 29 SER 29 432 432 SER SER A . n 
A 1 30 ALA 30 433 433 ALA ALA A . n 
A 1 31 ASP 31 434 434 ASP ASP A . n 
A 1 32 ASP 32 435 435 ASP ASP A . n 
A 1 33 ILE 33 436 436 ILE ILE A . n 
A 1 34 GLY 34 437 437 GLY GLY A . n 
A 1 35 ILE 35 438 438 ILE ILE A . n 
A 1 36 ILE 36 439 439 ILE ILE A . n 
A 1 37 THR 37 440 440 THR THR A . n 
A 1 38 ILE 38 441 441 ILE ILE A . n 
A 1 39 MET 39 442 442 MET MET A . n 
A 1 40 ASP 40 443 443 ASP ASP A . n 
A 1 41 ASN 41 444 444 ASN ASN A . n 
A 1 42 ALA 42 445 445 ALA ALA A . n 
A 1 43 SER 43 446 446 SER SER A . n 
A 1 44 TYR 44 447 447 TYR TYR A . n 
A 1 45 VAL 45 448 448 VAL VAL A . n 
A 1 46 GLU 46 449 449 GLU GLU A . n 
A 1 47 ILE 47 450 450 ILE ILE A . n 
A 1 48 LEU 48 451 451 LEU LEU A . n 
A 1 49 ASN 49 452 452 ASN ASN A . n 
A 1 50 GLY 50 453 453 GLY GLY A . n 
A 1 51 LYS 51 454 454 LYS LYS A . n 
A 1 52 GLY 52 455 455 GLY GLY A . n 
A 1 53 PRO 53 456 456 PRO PRO A . n 
A 1 54 HIS 54 457 457 HIS HIS A . n 
A 1 55 VAL 55 458 458 VAL VAL A . n 
A 1 56 LEU 56 459 459 LEU LEU A . n 
A 1 57 LYS 57 460 460 LYS LYS A . n 
A 1 58 VAL 58 461 461 VAL VAL A . n 
A 1 59 MET 59 462 462 MET MET A . n 
A 1 60 LYS 60 463 463 LYS LYS A . n 
A 1 61 ASN 61 464 464 ASN ASN A . n 
A 1 62 THR 62 465 465 THR THR A . n 
A 1 63 THR 63 466 466 THR THR A . n 
A 1 64 VAL 64 467 467 VAL VAL A . n 
A 1 65 LYS 65 468 ?   ?   ?   A . n 
A 1 66 GLY 66 469 ?   ?   ?   A . n 
A 1 67 LYS 67 470 ?   ?   ?   A . n 
A 1 68 GLN 68 471 471 GLN GLN A . n 
A 1 69 LEU 69 472 472 LEU LEU A . n 
A 1 70 LYS 70 473 473 LYS LYS A . n 
A 1 71 VAL 71 474 474 VAL VAL A . n 
A 1 72 ASN 72 475 475 ASN ASN A . n 
A 1 73 LYS 73 476 476 LYS LYS A . n 
A 1 74 ALA 74 477 477 ALA ALA A . n 
A 1 75 ASN 75 478 478 ASN ASN A . n 
A 1 76 LYS 76 479 ?   ?   ?   A . n 
# 
loop_
_pdbx_nonpoly_scheme.asym_id 
_pdbx_nonpoly_scheme.entity_id 
_pdbx_nonpoly_scheme.mon_id 
_pdbx_nonpoly_scheme.ndb_seq_num 
_pdbx_nonpoly_scheme.pdb_seq_num 
_pdbx_nonpoly_scheme.auth_seq_num 
_pdbx_nonpoly_scheme.pdb_mon_id 
_pdbx_nonpoly_scheme.auth_mon_id 
_pdbx_nonpoly_scheme.pdb_strand_id 
_pdbx_nonpoly_scheme.pdb_ins_code 
B 2 SO4 1  2001 2001 SO4 SO4 A . 
C 2 SO4 1  2003 2003 SO4 SO4 A . 
D 3 HOH 1  1001 1001 HOH WAT A . 
D 3 HOH 2  1002 1002 HOH WAT A . 
D 3 HOH 3  1003 1003 HOH WAT A . 
D 3 HOH 4  1004 1004 HOH WAT A . 
D 3 HOH 5  1005 1005 HOH WAT A . 
D 3 HOH 6  1006 1006 HOH WAT A . 
D 3 HOH 7  1007 1007 HOH WAT A . 
D 3 HOH 8  1008 1008 HOH WAT A . 
D 3 HOH 9  1009 1009 HOH WAT A . 
D 3 HOH 10 1010 1010 HOH WAT A . 
D 3 HOH 11 1011 1011 HOH WAT A . 
D 3 HOH 12 1012 1012 HOH WAT A . 
D 3 HOH 13 1013 1013 HOH WAT A . 
D 3 HOH 14 1014 1014 HOH WAT A . 
D 3 HOH 15 1015 1015 HOH WAT A . 
D 3 HOH 16 1016 1016 HOH WAT A . 
D 3 HOH 17 1017 1017 HOH WAT A . 
D 3 HOH 18 1018 1018 HOH WAT A . 
D 3 HOH 19 1019 1019 HOH WAT A . 
D 3 HOH 20 1020 1020 HOH WAT A . 
D 3 HOH 21 1021 1021 HOH WAT A . 
D 3 HOH 22 1022 1022 HOH WAT A . 
D 3 HOH 23 1023 1023 HOH WAT A . 
D 3 HOH 24 1024 1024 HOH WAT A . 
D 3 HOH 25 1025 1025 HOH WAT A . 
D 3 HOH 26 1026 1026 HOH WAT A . 
D 3 HOH 27 1027 1027 HOH WAT A . 
D 3 HOH 28 1028 1028 HOH WAT A . 
D 3 HOH 29 1029 1029 HOH WAT A . 
D 3 HOH 30 1030 1030 HOH WAT A . 
D 3 HOH 31 1031 1031 HOH WAT A . 
D 3 HOH 32 1032 1032 HOH WAT A . 
D 3 HOH 33 1033 1033 HOH WAT A . 
D 3 HOH 34 1034 1034 HOH WAT A . 
D 3 HOH 35 1035 1035 HOH WAT A . 
D 3 HOH 36 1036 1036 HOH WAT A . 
D 3 HOH 37 1037 1037 HOH WAT A . 
D 3 HOH 38 1038 1038 HOH WAT A . 
D 3 HOH 39 1039 1039 HOH WAT A . 
D 3 HOH 40 1040 1040 HOH WAT A . 
D 3 HOH 41 1041 1041 HOH WAT A . 
D 3 HOH 42 1042 1042 HOH WAT A . 
D 3 HOH 43 1043 1043 HOH WAT A . 
D 3 HOH 44 1044 1044 HOH WAT A . 
D 3 HOH 45 1045 1045 HOH WAT A . 
D 3 HOH 46 1046 1046 HOH WAT A . 
D 3 HOH 47 1047 1047 HOH WAT A . 
D 3 HOH 48 1048 1048 HOH WAT A . 
# 
loop_
_software.name 
_software.version 
_software.date 
_software.type 
_software.contact_author 
_software.contact_author_email 
_software.classification 
_software.location 
_software.language 
_software.citation_id 
_software.pdbx_ordinal 
DENZO       .     ?              package 'Zbyszek Otwinowski' zbyszek@mix.swmed.edu    'data reduction'  
http://www.lnls.br/infra/linhasluz/denzo-hkl.htm ?          ? 1 
SCALEPACK   .     ?              package 'Zbyszek Otwinowski' zbyszek@mix.swmed.edu    'data scaling'    
http://www.lnls.br/infra/linhasluz/denzo-hkl.htm ?          ? 2 
CNS         .     ?              package 'Axel T. Brunger'    axel.brunger@yale.edu    refinement        
http://cns.csb.yale.edu/v1.1/                    Fortran_77 ? 3 
PDB_EXTRACT 1.701 'Nov. 1, 2005' package PDB                  sw-help@rcsb.rutgers.edu 'data extraction' 
http://pdb.rutgers.edu/software/                 C++        ? 4 
HKL-2000    .     ?              ?       ?                    ?                        'data reduction'  ? ?          ? 5 
SOLVE       .     ?              ?       ?                    ?                        phasing           ? ?          ? 6 
# 
_cell.length_a           51.010 
_cell.length_b           51.010 
_cell.length_c           64.260 
_cell.angle_alpha        90.00 
_cell.angle_beta         90.00 
_cell.angle_gamma        90.00 
_cell.entry_id           2G0C 
_cell.pdbx_unique_axis   ? 
_cell.Z_PDB              8 
_cell.length_a_esd       ? 
_cell.length_b_esd       ? 
_cell.length_c_esd       ? 
_cell.angle_alpha_esd    ? 
_cell.angle_beta_esd     ? 
_cell.angle_gamma_esd    ? 
# 
_symmetry.space_group_name_H-M             'P 41 21 2' 
_symmetry.entry_id                         2G0C 
_symmetry.pdbx_full_space_group_name_H-M   ? 
_symmetry.Int_Tables_number                92 
_symmetry.cell_setting                     ? 
_symmetry.space_group_name_Hall            ? 
# 
_exptl.entry_id          2G0C 
_exptl.crystals_number   1 
_exptl.method            'X-RAY DIFFRACTION' 
# 
_exptl_crystal.id                    1 
_exptl_crystal.density_Matthews      2.52 
_exptl_crystal.density_meas          ? 
_exptl_crystal.density_percent_sol   51.20 
_exptl_crystal.description           ? 
_exptl_crystal.F_000                 ? 
_exptl_crystal.preparation           ? 
# 
_exptl_crystal_grow.crystal_id      1 
_exptl_crystal_grow.method          'VAPOR DIFFUSION, HANGING DROP' 
_exptl_crystal_grow.pH              10.0 
_exptl_crystal_grow.temp            291 
_exptl_crystal_grow.temp_details    ? 
_exptl_crystal_grow.pdbx_details    
;precipitant of 3.2-3.6 M (NH4)2SO4  
buffered with 0.1 M glycine, pH 10.0, VAPOR DIFFUSION, HANGING DROP, temperature 291K
;
_exptl_crystal_grow.pdbx_pH_range   . 
# 
loop_
_diffrn.id 
_diffrn.ambient_temp 
_diffrn.ambient_temp_details 
_diffrn.crystal_id 
1 100 ? 1 
2 ?   ? 1 
3 ?   ? 1 
# 
_diffrn_detector.diffrn_id              1 
_diffrn_detector.detector               CCD 
_diffrn_detector.type                   'ADSC QUANTUM 4' 
_diffrn_detector.pdbx_collection_date   2004-12-08 
_diffrn_detector.details                wiggler 
# 
_diffrn_radiation.diffrn_id                        1 
_diffrn_radiation.wavelength_id                    1 
_diffrn_radiation.pdbx_diffrn_protocol             MAD 
_diffrn_radiation.monochromator                    ? 
_diffrn_radiation.pdbx_monochromatic_or_laue_m_l   M 
_diffrn_radiation.pdbx_scattering_type             x-ray 
# 
loop_
_diffrn_radiation_wavelength.id 
_diffrn_radiation_wavelength.wavelength 
_diffrn_radiation_wavelength.wt 
1 0.97858 1.0 
2 0.97910 1.0 
3 0.94643 1.0 
# 
_diffrn_source.diffrn_id                   1 
_diffrn_source.source                      SYNCHROTRON 
_diffrn_source.type                        'ALS BEAMLINE 5.0.1' 
_diffrn_source.pdbx_wavelength             ? 
_diffrn_source.pdbx_wavelength_list        '0.97858, 0.97910, 0.94643' 
_diffrn_source.pdbx_synchrotron_site       ALS 
_diffrn_source.pdbx_synchrotron_beamline   5.0.1 
# 
_reflns.entry_id                     2G0C 
_reflns.d_resolution_high            1.700 
_reflns.d_resolution_low             50.000 
_reflns.number_obs                   9790 
_reflns.pdbx_Rmerge_I_obs            0.026 
_reflns.pdbx_netI_over_sigmaI        20.300 
_reflns.pdbx_chi_squared             0.825 
_reflns.pdbx_redundancy              3.900 
_reflns.percent_possible_obs         99.200 
_reflns.observed_criterion_sigma_F   0.0000 
_reflns.observed_criterion_sigma_I   0.0 
_reflns.number_all                   9484 
_reflns.pdbx_Rsym_value              0.026 
_reflns.B_iso_Wilson_estimate        25.8 
_reflns.R_free_details               ? 
_reflns.limit_h_max                  ? 
_reflns.limit_h_min                  ? 
_reflns.limit_k_max                  ? 
_reflns.limit_k_min                  ? 
_reflns.limit_l_max                  ? 
_reflns.limit_l_min                  ? 
_reflns.observed_criterion_F_max     ? 
_reflns.observed_criterion_F_min     ? 
_reflns.pdbx_scaling_rejects         ? 
_reflns.pdbx_ordinal                 1 
_reflns.pdbx_diffrn_id               1 
# 
_reflns_shell.d_res_high             1.70 
_reflns_shell.d_res_low              1.76 
_reflns_shell.number_measured_obs    ? 
_reflns_shell.number_measured_all    ? 
_reflns_shell.number_unique_obs      941 
_reflns_shell.Rmerge_I_obs           0.323 
_reflns_shell.meanI_over_sigI_obs    2.8 
_reflns_shell.pdbx_Rsym_value        0.323 
_reflns_shell.pdbx_chi_squared       0.659 
_reflns_shell.pdbx_redundancy        3.20 
_reflns_shell.percent_possible_obs   99.20 
_reflns_shell.number_unique_all      941 
_reflns_shell.percent_possible_all   99.2 
_reflns_shell.pdbx_ordinal           1 
_reflns_shell.pdbx_diffrn_id         1 
# 
_refine.ls_d_res_high                            1.700 
_refine.ls_d_res_low                             50.000 
_refine.ls_number_reflns_obs                     9484 
_refine.ls_R_factor_R_work                       0.253 
_refine.ls_R_factor_R_free                       0.276 
_refine.ls_number_reflns_R_free                  579 
_refine.B_iso_mean                               29.9 
_refine.overall_FOM_work_R_set                   0.795 
_refine.entry_id                                 2G0C 
_refine.pdbx_ls_sigma_F                          0.0 
_refine.pdbx_ls_sigma_I                          ? 
_refine.ls_number_reflns_all                     9484 
_refine.ls_percent_reflns_obs                    99.2 
_refine.ls_R_factor_all                          0.253 
_refine.ls_R_factor_obs                          0.253 
_refine.ls_redundancy_reflns_obs                 ? 
_refine.pdbx_data_cutoff_high_absF               ? 
_refine.pdbx_data_cutoff_low_absF                ? 
_refine.ls_number_parameters                     ? 
_refine.ls_number_restraints                     ? 
_refine.ls_percent_reflns_R_free                 6.1 
_refine.ls_R_factor_R_free_error                 ? 
_refine.ls_R_factor_R_free_error_details         ? 
_refine.pdbx_method_to_determine_struct          ? 
_refine.pdbx_starting_model                      'de novo' 
_refine.pdbx_ls_cross_valid_method               ? 
_refine.pdbx_R_Free_selection_details            Random 
_refine.pdbx_stereochem_target_val_spec_case     ? 
_refine.pdbx_stereochemistry_target_values       'Engh & Huber' 
_refine.solvent_model_details                    ? 
_refine.solvent_model_param_bsol                 ? 
_refine.solvent_model_param_ksol                 ? 
_refine.occupancy_max                            ? 
_refine.occupancy_min                            ? 
_refine.pdbx_isotropic_thermal_model             ? 
_refine.aniso_B[1][1]                            0.39 
_refine.aniso_B[1][2]                            0 
_refine.aniso_B[1][3]                            0 
_refine.aniso_B[2][2]                            0.39 
_refine.aniso_B[2][3]                            0 
_refine.aniso_B[3][3]                            -0.77 
_refine.details                                  ? 
_refine.B_iso_min                                ? 
_refine.B_iso_max                                ? 
_refine.correlation_coeff_Fo_to_Fc               ? 
_refine.correlation_coeff_Fo_to_Fc_free          ? 
_refine.pdbx_solvent_vdw_probe_radii             ? 
_refine.pdbx_solvent_ion_probe_radii             ? 
_refine.pdbx_solvent_shrinkage_radii             ? 
_refine.overall_SU_R_Cruickshank_DPI             ? 
_refine.overall_SU_R_free                        ? 
_refine.overall_SU_ML                            ? 
_refine.overall_SU_B                             ? 
_refine.pdbx_overall_ESU_R_Free                  ? 
_refine.pdbx_data_cutoff_high_rms_absF           ? 
_refine.pdbx_overall_ESU_R                       ? 
_refine.ls_wR_factor_R_free                      ? 
_refine.ls_wR_factor_R_work                      ? 
_refine.overall_FOM_free_R_set                   ? 
_refine.pdbx_refine_id                           'X-RAY DIFFRACTION' 
_refine.pdbx_diffrn_id                           1 
_refine.pdbx_TLS_residual_ADP_flag               ? 
_refine.pdbx_overall_phase_error                 ? 
_refine.pdbx_overall_SU_R_free_Cruickshank_DPI   ? 
_refine.pdbx_overall_SU_R_Blow_DPI               ? 
_refine.pdbx_overall_SU_R_free_Blow_DPI          ? 
# 
_refine_analyze.entry_id                        2G0C 
_refine_analyze.Luzzati_coordinate_error_obs    0.24 
_refine_analyze.Luzzati_sigma_a_obs             0.17 
_refine_analyze.Luzzati_d_res_low_obs           5.00 
_refine_analyze.Luzzati_coordinate_error_free   0.29 
_refine_analyze.Luzzati_sigma_a_free            0.22 
_refine_analyze.Luzzati_d_res_low_free          ? 
_refine_analyze.number_disordered_residues      ? 
_refine_analyze.occupancy_sum_non_hydrogen      ? 
_refine_analyze.occupancy_sum_hydrogen          ? 
_refine_analyze.pdbx_Luzzati_d_res_high_obs     ? 
_refine_analyze.pdbx_refine_id                  'X-RAY DIFFRACTION' 
# 
_refine_hist.pdbx_refine_id                   'X-RAY DIFFRACTION' 
_refine_hist.cycle_id                         LAST 
_refine_hist.pdbx_number_atoms_protein        511 
_refine_hist.pdbx_number_atoms_nucleic_acid   0 
_refine_hist.pdbx_number_atoms_ligand         10 
_refine_hist.number_atoms_solvent             48 
_refine_hist.number_atoms_total               569 
_refine_hist.d_res_high                       1.700 
_refine_hist.d_res_low                        50.000 
# 
loop_
_refine_ls_restr.type 
_refine_ls_restr.dev_ideal 
_refine_ls_restr.dev_ideal_target 
_refine_ls_restr.number 
_refine_ls_restr.weight 
_refine_ls_restr.pdbx_refine_id 
_refine_ls_restr.pdbx_restraint_function 
x_bond_d           0.012 ? ? ? 'X-RAY DIFFRACTION' ? 
x_angle_deg        1.45  ? ? ? 'X-RAY DIFFRACTION' ? 
x_dihedral_angle_d 24.1  ? ? ? 'X-RAY DIFFRACTION' ? 
x_improper_angle_d 1.06  ? ? ? 'X-RAY DIFFRACTION' ? 
# 
loop_
_refine_ls_shell.d_res_high 
_refine_ls_shell.d_res_low 
_refine_ls_shell.pdbx_total_number_of_bins_used 
_refine_ls_shell.percent_reflns_obs 
_refine_ls_shell.number_reflns_R_work 
_refine_ls_shell.R_factor_all 
_refine_ls_shell.R_factor_R_work 
_refine_ls_shell.R_factor_R_free 
_refine_ls_shell.percent_reflns_R_free 
_refine_ls_shell.number_reflns_R_free 
_refine_ls_shell.R_factor_R_free_error 
_refine_ls_shell.number_reflns_all 
_refine_ls_shell.number_reflns_obs 
_refine_ls_shell.redundancy_reflns_obs 
_refine_ls_shell.pdbx_refine_id 
1.700 1.750  11 . 728 . 0.333 0.383 . 48 . . 776 . 'X-RAY DIFFRACTION' 
1.750 1.820  11 . 740 . 0.297 0.308 . 57 . . 797 . 'X-RAY DIFFRACTION' 
1.820 1.890  11 . 770 . 0.28  0.348 . 44 . . 814 . 'X-RAY DIFFRACTION' 
1.890 1.980  11 . 789 . 0.264 0.348 . 55 . . 844 . 'X-RAY DIFFRACTION' 
1.980 2.080  11 . 796 . 0.247 0.301 . 55 . . 851 . 'X-RAY DIFFRACTION' 
2.080 2.210  11 . 826 . 0.255 0.285 . 48 . . 874 . 'X-RAY DIFFRACTION' 
2.210 2.380  11 . 817 . 0.243 0.288 . 60 . . 877 . 'X-RAY DIFFRACTION' 
2.380 2.620  11 . 850 . 0.229 0.249 . 37 . . 887 . 'X-RAY DIFFRACTION' 
2.620 3.000  11 . 838 . 0.263 0.314 . 62 . . 900 . 'X-RAY DIFFRACTION' 
3.000 3.780  11 . 851 . 0.234 0.229 . 55 . . 906 . 'X-RAY DIFFRACTION' 
3.780 50.000 11 . 900 . 0.26  0.264 . 58 . . 958 . 'X-RAY DIFFRACTION' 
# 
_struct.entry_id                  2G0C 
_struct.title                     'Structure of the RNA binding domain (residues 404-479) of the Bacillus subtilis YxiN protein' 
_struct.pdbx_model_details        ? 
_struct.pdbx_CASP_flag            ? 
_struct.pdbx_model_type_details   ? 
# 
_struct_keywords.entry_id        2G0C 
_struct_keywords.pdbx_keywords   HYDROLASE 
_struct_keywords.text            'RNA recognition motif, HYDROLASE' 
# 
loop_
_struct_asym.id 
_struct_asym.pdbx_blank_PDB_chainid_flag 
_struct_asym.pdbx_modified 
_struct_asym.entity_id 
_struct_asym.details 
A N N 1 ? 
B N N 2 ? 
C N N 2 ? 
D N N 3 ? 
# 
_struct_ref.id                         1 
_struct_ref.db_name                    UNP 
_struct_ref.db_code                    DBPA_BACSU 
_struct_ref.pdbx_db_accession          P42305 
_struct_ref.entity_id                  1 
_struct_ref.pdbx_seq_one_letter_code   MKLYFNGGKKKKIRAVDFVGTIAKIDGVSADDIGIITIMDNASYVEILNGKGPHVLKVMKNTTVKGKQLKVNKANK 
_struct_ref.pdbx_align_begin           404 
_struct_ref.pdbx_db_isoform            ? 
# 
_struct_ref_seq.align_id                      1 
_struct_ref_seq.ref_id                        1 
_struct_ref_seq.pdbx_PDB_id_code              2G0C 
_struct_ref_seq.pdbx_strand_id                A 
_struct_ref_seq.seq_align_beg                 1 
_struct_ref_seq.pdbx_seq_align_beg_ins_code   ? 
_struct_ref_seq.seq_align_end                 76 
_struct_ref_seq.pdbx_seq_align_end_ins_code   ? 
_struct_ref_seq.pdbx_db_accession             P42305 
_struct_ref_seq.db_align_beg                  404 
_struct_ref_seq.pdbx_db_align_beg_ins_code    ? 
_struct_ref_seq.db_align_end                  479 
_struct_ref_seq.pdbx_db_align_end_ins_code    ? 
_struct_ref_seq.pdbx_auth_seq_align_beg       404 
_struct_ref_seq.pdbx_auth_seq_align_end       479 
# 
loop_
_pdbx_struct_assembly.id 
_pdbx_struct_assembly.details 
_pdbx_struct_assembly.method_details 
_pdbx_struct_assembly.oligomeric_details 
_pdbx_struct_assembly.oligomeric_count 
1 author_and_software_defined_assembly PQS  monomeric 1 
2 software_defined_assembly            PISA dimeric   2 
# 
loop_
_pdbx_struct_assembly_prop.biol_id 
_pdbx_struct_assembly_prop.type 
_pdbx_struct_assembly_prop.value 
_pdbx_struct_assembly_prop.details 
2 'ABSA (A^2)' 1240 ? 
2 MORE         -50  ? 
2 'SSA (A^2)'  7940 ? 
# 
loop_
_pdbx_struct_assembly_gen.assembly_id 
_pdbx_struct_assembly_gen.oper_expression 
_pdbx_struct_assembly_gen.asym_id_list 
1 1   A,B,C,D 
2 1,2 A,B,C,D 
# 
loop_
_pdbx_struct_oper_list.id 
_pdbx_struct_oper_list.type 
_pdbx_struct_oper_list.name 
_pdbx_struct_oper_list.symmetry_operation 
_pdbx_struct_oper_list.matrix[1][1] 
_pdbx_struct_oper_list.matrix[1][2] 
_pdbx_struct_oper_list.matrix[1][3] 
_pdbx_struct_oper_list.vector[1] 
_pdbx_struct_oper_list.matrix[2][1] 
_pdbx_struct_oper_list.matrix[2][2] 
_pdbx_struct_oper_list.matrix[2][3] 
_pdbx_struct_oper_list.vector[2] 
_pdbx_struct_oper_list.matrix[3][1] 
_pdbx_struct_oper_list.matrix[3][2] 
_pdbx_struct_oper_list.matrix[3][3] 
_pdbx_struct_oper_list.vector[3] 
1 'identity operation'         1_555 x,y,z    1.0000000000  0.0000000000 0.0000000000 0.0000000000  0.0000000000 1.0000000000  0.0000000000 0.0000000000   0.0000000000 0.0000000000 1.0000000000 0.0000000000 
2 'crystal symmetry operation' 7_556 y,x,-z+1 -0.5983410394 0.3820200283 0.7043072473 10.8320688186 0.3820200283 -0.6366586674 0.6698704645 -22.6659902277 0.7043072473 0.6698704645 0.2349997067 6.1167405867 
# 
_struct_biol.id   1 
# 
loop_
_struct_conf.conf_type_id 
_struct_conf.id 
_struct_conf.pdbx_PDB_helix_id 
_struct_conf.beg_label_comp_id 
_struct_conf.beg_label_asym_id 
_struct_conf.beg_label_seq_id 
_struct_conf.pdbx_beg_PDB_ins_code 
_struct_conf.end_label_comp_id 
_struct_conf.end_label_asym_id 
_struct_conf.end_label_seq_id 
_struct_conf.pdbx_end_PDB_ins_code 
_struct_conf.beg_auth_comp_id 
_struct_conf.beg_auth_asym_id 
_struct_conf.beg_auth_seq_id 
_struct_conf.end_auth_comp_id 
_struct_conf.end_auth_asym_id 
_struct_conf.end_auth_seq_id 
_struct_conf.pdbx_PDB_helix_class 
_struct_conf.details 
_struct_conf.pdbx_PDB_helix_length 
HELX_P HELX_P1 1 ALA A 15 ? LYS A 24 ? ALA A 418 LYS A 427 1 ? 10 
HELX_P HELX_P2 2 SER A 29 ? ASP A 31 ? SER A 432 ASP A 434 5 ? 3  
HELX_P HELX_P3 3 LYS A 51 ? LYS A 60 ? LYS A 454 LYS A 463 1 ? 10 
# 
_struct_conf_type.id          HELX_P 
_struct_conf_type.criteria    ? 
_struct_conf_type.reference   ? 
# 
_struct_sheet.id               A 
_struct_sheet.type             ? 
_struct_sheet.number_strands   4 
_struct_sheet.details          ? 
# 
loop_
_struct_sheet_order.sheet_id 
_struct_sheet_order.range_id_1 
_struct_sheet_order.range_id_2 
_struct_sheet_order.offset 
_struct_sheet_order.sense 
A 1 2 ? anti-parallel 
A 2 3 ? anti-parallel 
A 3 4 ? anti-parallel 
# 
loop_
_struct_sheet_range.sheet_id 
_struct_sheet_range.id 
_struct_sheet_range.beg_label_comp_id 
_struct_sheet_range.beg_label_asym_id 
_struct_sheet_range.beg_label_seq_id 
_struct_sheet_range.pdbx_beg_PDB_ins_code 
_struct_sheet_range.end_label_comp_id 
_struct_sheet_range.end_label_asym_id 
_struct_sheet_range.end_label_seq_id 
_struct_sheet_range.pdbx_end_PDB_ins_code 
_struct_sheet_range.beg_auth_comp_id 
_struct_sheet_range.beg_auth_asym_id 
_struct_sheet_range.beg_auth_seq_id 
_struct_sheet_range.end_auth_comp_id 
_struct_sheet_range.end_auth_asym_id 
_struct_sheet_range.end_auth_seq_id 
A 1 ILE A 33 ? ILE A 38 ? ILE A 436 ILE A 441 
A 2 SER A 43 ? ILE A 47 ? SER A 446 ILE A 450 
A 3 LYS A 2  ? PHE A 5  ? LYS A 405 PHE A 408 
A 4 VAL A 71 ? LYS A 73 ? VAL A 474 LYS A 476 
# 
loop_
_pdbx_struct_sheet_hbond.sheet_id 
_pdbx_struct_sheet_hbond.range_id_1 
_pdbx_struct_sheet_hbond.range_id_2 
_pdbx_struct_sheet_hbond.range_1_label_atom_id 
_pdbx_struct_sheet_hbond.range_1_label_comp_id 
_pdbx_struct_sheet_hbond.range_1_label_asym_id 
_pdbx_struct_sheet_hbond.range_1_label_seq_id 
_pdbx_struct_sheet_hbond.range_1_PDB_ins_code 
_pdbx_struct_sheet_hbond.range_1_auth_atom_id 
_pdbx_struct_sheet_hbond.range_1_auth_comp_id 
_pdbx_struct_sheet_hbond.range_1_auth_asym_id 
_pdbx_struct_sheet_hbond.range_1_auth_seq_id 
_pdbx_struct_sheet_hbond.range_2_label_atom_id 
_pdbx_struct_sheet_hbond.range_2_label_comp_id 
_pdbx_struct_sheet_hbond.range_2_label_asym_id 
_pdbx_struct_sheet_hbond.range_2_label_seq_id 
_pdbx_struct_sheet_hbond.range_2_PDB_ins_code 
_pdbx_struct_sheet_hbond.range_2_auth_atom_id 
_pdbx_struct_sheet_hbond.range_2_auth_comp_id 
_pdbx_struct_sheet_hbond.range_2_auth_asym_id 
_pdbx_struct_sheet_hbond.range_2_auth_seq_id 
A 1 2 N GLY A 34 ? N GLY A 437 O GLU A 46 ? O GLU A 449 
A 2 3 O VAL A 45 ? O VAL A 448 N LEU A 3  ? N LEU A 406 
A 3 4 N TYR A 4  ? N TYR A 407 O ASN A 72 ? O ASN A 475 
# 
loop_
_struct_site.id 
_struct_site.pdbx_evidence_code 
_struct_site.pdbx_auth_asym_id 
_struct_site.pdbx_auth_comp_id 
_struct_site.pdbx_auth_seq_id 
_struct_site.pdbx_auth_ins_code 
_struct_site.pdbx_num_residues 
_struct_site.details 
AC1 Software A SO4 2001 ? 5 'BINDING SITE FOR RESIDUE SO4 A 2001' 
AC2 Software A SO4 2003 ? 5 'BINDING SITE FOR RESIDUE SO4 A 2003' 
# 
loop_
_struct_site_gen.id 
_struct_site_gen.site_id 
_struct_site_gen.pdbx_num_res 
_struct_site_gen.label_comp_id 
_struct_site_gen.label_asym_id 
_struct_site_gen.label_seq_id 
_struct_site_gen.pdbx_auth_ins_code 
_struct_site_gen.auth_comp_id 
_struct_site_gen.auth_asym_id 
_struct_site_gen.auth_seq_id 
_struct_site_gen.label_atom_id 
_struct_site_gen.label_alt_id 
_struct_site_gen.symmetry 
_struct_site_gen.details 
1  AC1 5 THR A 21 ? THR A 424  . ? 1_555 ? 
2  AC1 5 LYS A 24 ? LYS A 427  . ? 1_555 ? 
3  AC1 5 VAL A 64 ? VAL A 467  . ? 1_555 ? 
4  AC1 5 HOH D .  ? HOH A 1022 . ? 1_555 ? 
5  AC1 5 HOH D .  ? HOH A 1035 . ? 1_555 ? 
6  AC2 5 LYS A 24 ? LYS A 427  . ? 6_465 ? 
7  AC2 5 LYS A 51 ? LYS A 454  . ? 4_464 ? 
8  AC2 5 ASN A 75 ? ASN A 478  . ? 1_555 ? 
9  AC2 5 HOH D .  ? HOH A 1017 . ? 1_555 ? 
10 AC2 5 HOH D .  ? HOH A 1020 . ? 1_555 ? 
# 
loop_
_pdbx_validate_rmsd_angle.id 
_pdbx_validate_rmsd_angle.PDB_model_num 
_pdbx_validate_rmsd_angle.auth_atom_id_1 
_pdbx_validate_rmsd_angle.auth_asym_id_1 
_pdbx_validate_rmsd_angle.auth_comp_id_1 
_pdbx_validate_rmsd_angle.auth_seq_id_1 
_pdbx_validate_rmsd_angle.PDB_ins_code_1 
_pdbx_validate_rmsd_angle.label_alt_id_1 
_pdbx_validate_rmsd_angle.auth_atom_id_2 
_pdbx_validate_rmsd_angle.auth_asym_id_2 
_pdbx_validate_rmsd_angle.auth_comp_id_2 
_pdbx_validate_rmsd_angle.auth_seq_id_2 
_pdbx_validate_rmsd_angle.PDB_ins_code_2 
_pdbx_validate_rmsd_angle.label_alt_id_2 
_pdbx_validate_rmsd_angle.auth_atom_id_3 
_pdbx_validate_rmsd_angle.auth_asym_id_3 
_pdbx_validate_rmsd_angle.auth_comp_id_3 
_pdbx_validate_rmsd_angle.auth_seq_id_3 
_pdbx_validate_rmsd_angle.PDB_ins_code_3 
_pdbx_validate_rmsd_angle.label_alt_id_3 
_pdbx_validate_rmsd_angle.angle_value 
_pdbx_validate_rmsd_angle.angle_target_value 
_pdbx_validate_rmsd_angle.angle_deviation 
_pdbx_validate_rmsd_angle.angle_standard_deviation 
_pdbx_validate_rmsd_angle.linker_flag 
1 1 CA A GLY 423 ? A C A GLY 423 ? A N A THR 424 ? ? 139.06 117.20 21.86  2.20 Y 
2 1 O  A GLY 423 ? A C A GLY 423 ? A N A THR 424 ? ? 98.70  122.70 -24.00 1.60 Y 
# 
_pdbx_validate_torsion.id              1 
_pdbx_validate_torsion.PDB_model_num   1 
_pdbx_validate_torsion.auth_comp_id    ALA 
_pdbx_validate_torsion.auth_asym_id    A 
_pdbx_validate_torsion.auth_seq_id     477 
_pdbx_validate_torsion.PDB_ins_code    ? 
_pdbx_validate_torsion.label_alt_id    ? 
_pdbx_validate_torsion.phi             -63.58 
_pdbx_validate_torsion.psi             -72.92 
# 
loop_
_pdbx_struct_special_symmetry.id 
_pdbx_struct_special_symmetry.PDB_model_num 
_pdbx_struct_special_symmetry.auth_asym_id 
_pdbx_struct_special_symmetry.auth_comp_id 
_pdbx_struct_special_symmetry.auth_seq_id 
_pdbx_struct_special_symmetry.PDB_ins_code 
_pdbx_struct_special_symmetry.label_asym_id 
_pdbx_struct_special_symmetry.label_comp_id 
_pdbx_struct_special_symmetry.label_seq_id 
1 1 A HOH 1006 ? D HOH . 
2 1 A HOH 1008 ? D HOH . 
3 1 A HOH 1025 ? D HOH . 
4 1 A HOH 1026 ? D HOH . 
# 
loop_
_diffrn_reflns.diffrn_id 
_diffrn_reflns.pdbx_d_res_high 
_diffrn_reflns.pdbx_d_res_low 
_diffrn_reflns.pdbx_number_obs 
_diffrn_reflns.pdbx_Rmerge_I_obs 
_diffrn_reflns.pdbx_Rsym_value 
_diffrn_reflns.pdbx_chi_squared 
_diffrn_reflns.av_sigmaI_over_netI 
_diffrn_reflns.pdbx_redundancy 
_diffrn_reflns.pdbx_percent_possible_obs 
_diffrn_reflns.number 
_diffrn_reflns.pdbx_observed_criterion 
_diffrn_reflns.limit_h_max 
_diffrn_reflns.limit_h_min 
_diffrn_reflns.limit_k_max 
_diffrn_reflns.limit_k_min 
_diffrn_reflns.limit_l_max 
_diffrn_reflns.limit_l_min 
1 1.700 50.000 9442 0.051 ? 2.33 21.70 6.50 96.90 61620 ? ? ? ? ? ? ? 
2 1.700 50.000 9516 0.042 ? 1.74 20.90 6.90 97.20 65249 ? ? ? ? ? ? ? 
3 1.700 50.000 9539 0.046 ? 1.71 18.50 6.90 97.30 65514 ? ? ? ? ? ? ? 
# 
loop_
_pdbx_diffrn_reflns_shell.diffrn_id 
_pdbx_diffrn_reflns_shell.d_res_high 
_pdbx_diffrn_reflns_shell.d_res_low 
_pdbx_diffrn_reflns_shell.number_obs 
_pdbx_diffrn_reflns_shell.rejects 
_pdbx_diffrn_reflns_shell.Rmerge_I_obs 
_pdbx_diffrn_reflns_shell.Rsym_value 
_pdbx_diffrn_reflns_shell.chi_squared 
_pdbx_diffrn_reflns_shell.redundancy 
_pdbx_diffrn_reflns_shell.percent_possible_obs 
1 3.66 50.00 918 ? 0.039 ? 3.086 5.30 84.30 
1 2.91 3.66  952 ? 0.039 ? 2.962 6.00 95.00 
1 2.54 2.91  946 ? 0.048 ? 3.155 6.10 97.00 
1 2.31 2.54  955 ? 0.061 ? 3.146 6.40 98.60 
1 2.14 2.31  946 ? 0.074 ? 2.849 6.60 98.60 
1 2.02 2.14  958 ? 0.089 ? 2.441 6.90 99.00 
1 1.91 2.02  952 ? 0.125 ? 1.975 7.00 99.40 
1 1.83 1.91  937 ? 0.185 ? 1.562 7.00 99.70 
1 1.76 1.83  938 ? 0.285 ? 1.435 7.00 99.50 
1 1.70 1.76  940 ? 0.413 ? 1.243 7.00 99.80 
2 3.66 50.00 937 ? 0.032 ? 2.492 6.00 85.60 
2 2.91 3.66  962 ? 0.032 ? 2.354 6.70 95.60 
2 2.54 2.91  959 ? 0.043 ? 2.422 6.90 97.30 
2 2.31 2.54  957 ? 0.051 ? 2.100 7.00 98.70 
2 2.14 2.31  948 ? 0.062 ? 1.832 7.00 98.90 
2 2.02 2.14  960 ? 0.077 ? 1.529 7.00 99.30 
2 1.91 2.02  963 ? 0.120 ? 1.319 7.00 99.40 
2 1.83 1.91  937 ? 0.204 ? 1.226 7.00 99.70 
2 1.76 1.83  953 ? 0.325 ? 1.147 7.00 99.50 
2 1.70 1.76  940 ? 0.498 ? 1.135 7.00 99.90 
3 3.66 50.00 953 ? 0.033 ? 2.514 6.00 86.80 
3 2.91 3.66  970 ? 0.034 ? 2.397 6.70 96.40 
3 2.54 2.91  963 ? 0.047 ? 2.437 6.90 97.50 
3 2.31 2.54  960 ? 0.059 ? 2.054 7.00 98.60 
3 2.14 2.31  945 ? 0.076 ? 1.753 7.00 98.60 
3 2.02 2.14  958 ? 0.098 ? 1.423 7.10 99.10 
3 1.91 2.02  968 ? 0.161 ? 1.274 7.00 99.20 
3 1.83 1.91  938 ? 0.285 ? 1.181 7.00 99.70 
3 1.76 1.83  946 ? 0.455 ? 1.106 7.00 99.40 
3 1.70 1.76  938 ? 0.730 ? 1.134 7.00 99.70 
# 
loop_
_pdbx_unobs_or_zero_occ_residues.id 
_pdbx_unobs_or_zero_occ_residues.PDB_model_num 
_pdbx_unobs_or_zero_occ_residues.polymer_flag 
_pdbx_unobs_or_zero_occ_residues.occupancy_flag 
_pdbx_unobs_or_zero_occ_residues.auth_asym_id 
_pdbx_unobs_or_zero_occ_residues.auth_comp_id 
_pdbx_unobs_or_zero_occ_residues.auth_seq_id 
_pdbx_unobs_or_zero_occ_residues.PDB_ins_code 
_pdbx_unobs_or_zero_occ_residues.label_asym_id 
_pdbx_unobs_or_zero_occ_residues.label_comp_id 
_pdbx_unobs_or_zero_occ_residues.label_seq_id 
1 1 Y 1 A LYS 414 ? A LYS 11 
2 1 Y 1 A LYS 415 ? A LYS 12 
3 1 Y 1 A ILE 416 ? A ILE 13 
4 1 Y 1 A ARG 417 ? A ARG 14 
5 1 Y 1 A LYS 468 ? A LYS 65 
6 1 Y 1 A GLY 469 ? A GLY 66 
7 1 Y 1 A LYS 470 ? A LYS 67 
8 1 Y 1 A LYS 479 ? A LYS 76 
# 
loop_
_chem_comp_atom.comp_id 
_chem_comp_atom.atom_id 
_chem_comp_atom.type_symbol 
_chem_comp_atom.pdbx_aromatic_flag 
_chem_comp_atom.pdbx_stereo_config 
_chem_comp_atom.pdbx_ordinal 
ALA N    N N N 1   
ALA CA   C N S 2   
ALA C    C N N 3   
ALA O    O N N 4   
ALA CB   C N N 5   
ALA OXT  O N N 6   
ALA H    H N N 7   
ALA H2   H N N 8   
ALA HA   H N N 9   
ALA HB1  H N N 10  
ALA HB2  H N N 11  
ALA HB3  H N N 12  
ALA HXT  H N N 13  
ARG N    N N N 14  
ARG CA   C N S 15  
ARG C    C N N 16  
ARG O    O N N 17  
ARG CB   C N N 18  
ARG CG   C N N 19  
ARG CD   C N N 20  
ARG NE   N N N 21  
ARG CZ   C N N 22  
ARG NH1  N N N 23  
ARG NH2  N N N 24  
ARG OXT  O N N 25  
ARG H    H N N 26  
ARG H2   H N N 27  
ARG HA   H N N 28  
ARG HB2  H N N 29  
ARG HB3  H N N 30  
ARG HG2  H N N 31  
ARG HG3  H N N 32  
ARG HD2  H N N 33  
ARG HD3  H N N 34  
ARG HE   H N N 35  
ARG HH11 H N N 36  
ARG HH12 H N N 37  
ARG HH21 H N N 38  
ARG HH22 H N N 39  
ARG HXT  H N N 40  
ASN N    N N N 41  
ASN CA   C N S 42  
ASN C    C N N 43  
ASN O    O N N 44  
ASN CB   C N N 45  
ASN CG   C N N 46  
ASN OD1  O N N 47  
ASN ND2  N N N 48  
ASN OXT  O N N 49  
ASN H    H N N 50  
ASN H2   H N N 51  
ASN HA   H N N 52  
ASN HB2  H N N 53  
ASN HB3  H N N 54  
ASN HD21 H N N 55  
ASN HD22 H N N 56  
ASN HXT  H N N 57  
ASP N    N N N 58  
ASP CA   C N S 59  
ASP C    C N N 60  
ASP O    O N N 61  
ASP CB   C N N 62  
ASP CG   C N N 63  
ASP OD1  O N N 64  
ASP OD2  O N N 65  
ASP OXT  O N N 66  
ASP H    H N N 67  
ASP H2   H N N 68  
ASP HA   H N N 69  
ASP HB2  H N N 70  
ASP HB3  H N N 71  
ASP HD2  H N N 72  
ASP HXT  H N N 73  
GLN N    N N N 74  
GLN CA   C N S 75  
GLN C    C N N 76  
GLN O    O N N 77  
GLN CB   C N N 78  
GLN CG   C N N 79  
GLN CD   C N N 80  
GLN OE1  O N N 81  
GLN NE2  N N N 82  
GLN OXT  O N N 83  
GLN H    H N N 84  
GLN H2   H N N 85  
GLN HA   H N N 86  
GLN HB2  H N N 87  
GLN HB3  H N N 88  
GLN HG2  H N N 89  
GLN HG3  H N N 90  
GLN HE21 H N N 91  
GLN HE22 H N N 92  
GLN HXT  H N N 93  
GLU N    N N N 94  
GLU CA   C N S 95  
GLU C    C N N 96  
GLU O    O N N 97  
GLU CB   C N N 98  
GLU CG   C N N 99  
GLU CD   C N N 100 
GLU OE1  O N N 101 
GLU OE2  O N N 102 
GLU OXT  O N N 103 
GLU H    H N N 104 
GLU H2   H N N 105 
GLU HA   H N N 106 
GLU HB2  H N N 107 
GLU HB3  H N N 108 
GLU HG2  H N N 109 
GLU HG3  H N N 110 
GLU HE2  H N N 111 
GLU HXT  H N N 112 
GLY N    N N N 113 
GLY CA   C N N 114 
GLY C    C N N 115 
GLY O    O N N 116 
GLY OXT  O N N 117 
GLY H    H N N 118 
GLY H2   H N N 119 
GLY HA2  H N N 120 
GLY HA3  H N N 121 
GLY HXT  H N N 122 
HIS N    N N N 123 
HIS CA   C N S 124 
HIS C    C N N 125 
HIS O    O N N 126 
HIS CB   C N N 127 
HIS CG   C Y N 128 
HIS ND1  N Y N 129 
HIS CD2  C Y N 130 
HIS CE1  C Y N 131 
HIS NE2  N Y N 132 
HIS OXT  O N N 133 
HIS H    H N N 134 
HIS H2   H N N 135 
HIS HA   H N N 136 
HIS HB2  H N N 137 
HIS HB3  H N N 138 
HIS HD1  H N N 139 
HIS HD2  H N N 140 
HIS HE1  H N N 141 
HIS HE2  H N N 142 
HIS HXT  H N N 143 
HOH O    O N N 144 
HOH H1   H N N 145 
HOH H2   H N N 146 
ILE N    N N N 147 
ILE CA   C N S 148 
ILE C    C N N 149 
ILE O    O N N 150 
ILE CB   C N S 151 
ILE CG1  C N N 152 
ILE CG2  C N N 153 
ILE CD1  C N N 154 
ILE OXT  O N N 155 
ILE H    H N N 156 
ILE H2   H N N 157 
ILE HA   H N N 158 
ILE HB   H N N 159 
ILE HG12 H N N 160 
ILE HG13 H N N 161 
ILE HG21 H N N 162 
ILE HG22 H N N 163 
ILE HG23 H N N 164 
ILE HD11 H N N 165 
ILE HD12 H N N 166 
ILE HD13 H N N 167 
ILE HXT  H N N 168 
LEU N    N N N 169 
LEU CA   C N S 170 
LEU C    C N N 171 
LEU O    O N N 172 
LEU CB   C N N 173 
LEU CG   C N N 174 
LEU CD1  C N N 175 
LEU CD2  C N N 176 
LEU OXT  O N N 177 
LEU H    H N N 178 
LEU H2   H N N 179 
LEU HA   H N N 180 
LEU HB2  H N N 181 
LEU HB3  H N N 182 
LEU HG   H N N 183 
LEU HD11 H N N 184 
LEU HD12 H N N 185 
LEU HD13 H N N 186 
LEU HD21 H N N 187 
LEU HD22 H N N 188 
LEU HD23 H N N 189 
LEU HXT  H N N 190 
LYS N    N N N 191 
LYS CA   C N S 192 
LYS C    C N N 193 
LYS O    O N N 194 
LYS CB   C N N 195 
LYS CG   C N N 196 
LYS CD   C N N 197 
LYS CE   C N N 198 
LYS NZ   N N N 199 
LYS OXT  O N N 200 
LYS H    H N N 201 
LYS H2   H N N 202 
LYS HA   H N N 203 
LYS HB2  H N N 204 
LYS HB3  H N N 205 
LYS HG2  H N N 206 
LYS HG3  H N N 207 
LYS HD2  H N N 208 
LYS HD3  H N N 209 
LYS HE2  H N N 210 
LYS HE3  H N N 211 
LYS HZ1  H N N 212 
LYS HZ2  H N N 213 
LYS HZ3  H N N 214 
LYS HXT  H N N 215 
MET N    N N N 216 
MET CA   C N S 217 
MET C    C N N 218 
MET O    O N N 219 
MET CB   C N N 220 
MET CG   C N N 221 
MET SD   S N N 222 
MET CE   C N N 223 
MET OXT  O N N 224 
MET H    H N N 225 
MET H2   H N N 226 
MET HA   H N N 227 
MET HB2  H N N 228 
MET HB3  H N N 229 
MET HG2  H N N 230 
MET HG3  H N N 231 
MET HE1  H N N 232 
MET HE2  H N N 233 
MET HE3  H N N 234 
MET HXT  H N N 235 
PHE N    N N N 236 
PHE CA   C N S 237 
PHE C    C N N 238 
PHE O    O N N 239 
PHE CB   C N N 240 
PHE CG   C Y N 241 
PHE CD1  C Y N 242 
PHE CD2  C Y N 243 
PHE CE1  C Y N 244 
PHE CE2  C Y N 245 
PHE CZ   C Y N 246 
PHE OXT  O N N 247 
PHE H    H N N 248 
PHE H2   H N N 249 
PHE HA   H N N 250 
PHE HB2  H N N 251 
PHE HB3  H N N 252 
PHE HD1  H N N 253 
PHE HD2  H N N 254 
PHE HE1  H N N 255 
PHE HE2  H N N 256 
PHE HZ   H N N 257 
PHE HXT  H N N 258 
PRO N    N N N 259 
PRO CA   C N S 260 
PRO C    C N N 261 
PRO O    O N N 262 
PRO CB   C N N 263 
PRO CG   C N N 264 
PRO CD   C N N 265 
PRO OXT  O N N 266 
PRO H    H N N 267 
PRO HA   H N N 268 
PRO HB2  H N N 269 
PRO HB3  H N N 270 
PRO HG2  H N N 271 
PRO HG3  H N N 272 
PRO HD2  H N N 273 
PRO HD3  H N N 274 
PRO HXT  H N N 275 
SER N    N N N 276 
SER CA   C N S 277 
SER C    C N N 278 
SER O    O N N 279 
SER CB   C N N 280 
SER OG   O N N 281 
SER OXT  O N N 282 
SER H    H N N 283 
SER H2   H N N 284 
SER HA   H N N 285 
SER HB2  H N N 286 
SER HB3  H N N 287 
SER HG   H N N 288 
SER HXT  H N N 289 
SO4 S    S N N 290 
SO4 O1   O N N 291 
SO4 O2   O N N 292 
SO4 O3   O N N 293 
SO4 O4   O N N 294 
THR N    N N N 295 
THR CA   C N S 296 
THR C    C N N 297 
THR O    O N N 298 
THR CB   C N R 299 
THR OG1  O N N 300 
THR CG2  C N N 301 
THR OXT  O N N 302 
THR H    H N N 303 
THR H2   H N N 304 
THR HA   H N N 305 
THR HB   H N N 306 
THR HG1  H N N 307 
THR HG21 H N N 308 
THR HG22 H N N 309 
THR HG23 H N N 310 
THR HXT  H N N 311 
TYR N    N N N 312 
TYR CA   C N S 313 
TYR C    C N N 314 
TYR O    O N N 315 
TYR CB   C N N 316 
TYR CG   C Y N 317 
TYR CD1  C Y N 318 
TYR CD2  C Y N 319 
TYR CE1  C Y N 320 
TYR CE2  C Y N 321 
TYR CZ   C Y N 322 
TYR OH   O N N 323 
TYR OXT  O N N 324 
TYR H    H N N 325 
TYR H2   H N N 326 
TYR HA   H N N 327 
TYR HB2  H N N 328 
TYR HB3  H N N 329 
TYR HD1  H N N 330 
TYR HD2  H N N 331 
TYR HE1  H N N 332 
TYR HE2  H N N 333 
TYR HH   H N N 334 
TYR HXT  H N N 335 
VAL N    N N N 336 
VAL CA   C N S 337 
VAL C    C N N 338 
VAL O    O N N 339 
VAL CB   C N N 340 
VAL CG1  C N N 341 
VAL CG2  C N N 342 
VAL OXT  O N N 343 
VAL H    H N N 344 
VAL H2   H N N 345 
VAL HA   H N N 346 
VAL HB   H N N 347 
VAL HG11 H N N 348 
VAL HG12 H N N 349 
VAL HG13 H N N 350 
VAL HG21 H N N 351 
VAL HG22 H N N 352 
VAL HG23 H N N 353 
VAL HXT  H N N 354 
# 
loop_
_chem_comp_bond.comp_id 
_chem_comp_bond.atom_id_1 
_chem_comp_bond.atom_id_2 
_chem_comp_bond.value_order 
_chem_comp_bond.pdbx_aromatic_flag 
_chem_comp_bond.pdbx_stereo_config 
_chem_comp_bond.pdbx_ordinal 
ALA N   CA   sing N N 1   
ALA N   H    sing N N 2   
ALA N   H2   sing N N 3   
ALA CA  C    sing N N 4   
ALA CA  CB   sing N N 5   
ALA CA  HA   sing N N 6   
ALA C   O    doub N N 7   
ALA C   OXT  sing N N 8   
ALA CB  HB1  sing N N 9   
ALA CB  HB2  sing N N 10  
ALA CB  HB3  sing N N 11  
ALA OXT HXT  sing N N 12  
ARG N   CA   sing N N 13  
ARG N   H    sing N N 14  
ARG N   H2   sing N N 15  
ARG CA  C    sing N N 16  
ARG CA  CB   sing N N 17  
ARG CA  HA   sing N N 18  
ARG C   O    doub N N 19  
ARG C   OXT  sing N N 20  
ARG CB  CG   sing N N 21  
ARG CB  HB2  sing N N 22  
ARG CB  HB3  sing N N 23  
ARG CG  CD   sing N N 24  
ARG CG  HG2  sing N N 25  
ARG CG  HG3  sing N N 26  
ARG CD  NE   sing N N 27  
ARG CD  HD2  sing N N 28  
ARG CD  HD3  sing N N 29  
ARG NE  CZ   sing N N 30  
ARG NE  HE   sing N N 31  
ARG CZ  NH1  sing N N 32  
ARG CZ  NH2  doub N N 33  
ARG NH1 HH11 sing N N 34  
ARG NH1 HH12 sing N N 35  
ARG NH2 HH21 sing N N 36  
ARG NH2 HH22 sing N N 37  
ARG OXT HXT  sing N N 38  
ASN N   CA   sing N N 39  
ASN N   H    sing N N 40  
ASN N   H2   sing N N 41  
ASN CA  C    sing N N 42  
ASN CA  CB   sing N N 43  
ASN CA  HA   sing N N 44  
ASN C   O    doub N N 45  
ASN C   OXT  sing N N 46  
ASN CB  CG   sing N N 47  
ASN CB  HB2  sing N N 48  
ASN CB  HB3  sing N N 49  
ASN CG  OD1  doub N N 50  
ASN CG  ND2  sing N N 51  
ASN ND2 HD21 sing N N 52  
ASN ND2 HD22 sing N N 53  
ASN OXT HXT  sing N N 54  
ASP N   CA   sing N N 55  
ASP N   H    sing N N 56  
ASP N   H2   sing N N 57  
ASP CA  C    sing N N 58  
ASP CA  CB   sing N N 59  
ASP CA  HA   sing N N 60  
ASP C   O    doub N N 61  
ASP C   OXT  sing N N 62  
ASP CB  CG   sing N N 63  
ASP CB  HB2  sing N N 64  
ASP CB  HB3  sing N N 65  
ASP CG  OD1  doub N N 66  
ASP CG  OD2  sing N N 67  
ASP OD2 HD2  sing N N 68  
ASP OXT HXT  sing N N 69  
GLN N   CA   sing N N 70  
GLN N   H    sing N N 71  
GLN N   H2   sing N N 72  
GLN CA  C    sing N N 73  
GLN CA  CB   sing N N 74  
GLN CA  HA   sing N N 75  
GLN C   O    doub N N 76  
GLN C   OXT  sing N N 77  
GLN CB  CG   sing N N 78  
GLN CB  HB2  sing N N 79  
GLN CB  HB3  sing N N 80  
GLN CG  CD   sing N N 81  
GLN CG  HG2  sing N N 82  
GLN CG  HG3  sing N N 83  
GLN CD  OE1  doub N N 84  
GLN CD  NE2  sing N N 85  
GLN NE2 HE21 sing N N 86  
GLN NE2 HE22 sing N N 87  
GLN OXT HXT  sing N N 88  
GLU N   CA   sing N N 89  
GLU N   H    sing N N 90  
GLU N   H2   sing N N 91  
GLU CA  C    sing N N 92  
GLU CA  CB   sing N N 93  
GLU CA  HA   sing N N 94  
GLU C   O    doub N N 95  
GLU C   OXT  sing N N 96  
GLU CB  CG   sing N N 97  
GLU CB  HB2  sing N N 98  
GLU CB  HB3  sing N N 99  
GLU CG  CD   sing N N 100 
GLU CG  HG2  sing N N 101 
GLU CG  HG3  sing N N 102 
GLU CD  OE1  doub N N 103 
GLU CD  OE2  sing N N 104 
GLU OE2 HE2  sing N N 105 
GLU OXT HXT  sing N N 106 
GLY N   CA   sing N N 107 
GLY N   H    sing N N 108 
GLY N   H2   sing N N 109 
GLY CA  C    sing N N 110 
GLY CA  HA2  sing N N 111 
GLY CA  HA3  sing N N 112 
GLY C   O    doub N N 113 
GLY C   OXT  sing N N 114 
GLY OXT HXT  sing N N 115 
HIS N   CA   sing N N 116 
HIS N   H    sing N N 117 
HIS N   H2   sing N N 118 
HIS CA  C    sing N N 119 
HIS CA  CB   sing N N 120 
HIS CA  HA   sing N N 121 
HIS C   O    doub N N 122 
HIS C   OXT  sing N N 123 
HIS CB  CG   sing N N 124 
HIS CB  HB2  sing N N 125 
HIS CB  HB3  sing N N 126 
HIS CG  ND1  sing Y N 127 
HIS CG  CD2  doub Y N 128 
HIS ND1 CE1  doub Y N 129 
HIS ND1 HD1  sing N N 130 
HIS CD2 NE2  sing Y N 131 
HIS CD2 HD2  sing N N 132 
HIS CE1 NE2  sing Y N 133 
HIS CE1 HE1  sing N N 134 
HIS NE2 HE2  sing N N 135 
HIS OXT HXT  sing N N 136 
HOH O   H1   sing N N 137 
HOH O   H2   sing N N 138 
ILE N   CA   sing N N 139 
ILE N   H    sing N N 140 
ILE N   H2   sing N N 141 
ILE CA  C    sing N N 142 
ILE CA  CB   sing N N 143 
ILE CA  HA   sing N N 144 
ILE C   O    doub N N 145 
ILE C   OXT  sing N N 146 
ILE CB  CG1  sing N N 147 
ILE CB  CG2  sing N N 148 
ILE CB  HB   sing N N 149 
ILE CG1 CD1  sing N N 150 
ILE CG1 HG12 sing N N 151 
ILE CG1 HG13 sing N N 152 
ILE CG2 HG21 sing N N 153 
ILE CG2 HG22 sing N N 154 
ILE CG2 HG23 sing N N 155 
ILE CD1 HD11 sing N N 156 
ILE CD1 HD12 sing N N 157 
ILE CD1 HD13 sing N N 158 
ILE OXT HXT  sing N N 159 
LEU N   CA   sing N N 160 
LEU N   H    sing N N 161 
LEU N   H2   sing N N 162 
LEU CA  C    sing N N 163 
LEU CA  CB   sing N N 164 
LEU CA  HA   sing N N 165 
LEU C   O    doub N N 166 
LEU C   OXT  sing N N 167 
LEU CB  CG   sing N N 168 
LEU CB  HB2  sing N N 169 
LEU CB  HB3  sing N N 170 
LEU CG  CD1  sing N N 171 
LEU CG  CD2  sing N N 172 
LEU CG  HG   sing N N 173 
LEU CD1 HD11 sing N N 174 
LEU CD1 HD12 sing N N 175 
LEU CD1 HD13 sing N N 176 
LEU CD2 HD21 sing N N 177 
LEU CD2 HD22 sing N N 178 
LEU CD2 HD23 sing N N 179 
LEU OXT HXT  sing N N 180 
LYS N   CA   sing N N 181 
LYS N   H    sing N N 182 
LYS N   H2   sing N N 183 
LYS CA  C    sing N N 184 
LYS CA  CB   sing N N 185 
LYS CA  HA   sing N N 186 
LYS C   O    doub N N 187 
LYS C   OXT  sing N N 188 
LYS CB  CG   sing N N 189 
LYS CB  HB2  sing N N 190 
LYS CB  HB3  sing N N 191 
LYS CG  CD   sing N N 192 
LYS CG  HG2  sing N N 193 
LYS CG  HG3  sing N N 194 
LYS CD  CE   sing N N 195 
LYS CD  HD2  sing N N 196 
LYS CD  HD3  sing N N 197 
LYS CE  NZ   sing N N 198 
LYS CE  HE2  sing N N 199 
LYS CE  HE3  sing N N 200 
LYS NZ  HZ1  sing N N 201 
LYS NZ  HZ2  sing N N 202 
LYS NZ  HZ3  sing N N 203 
LYS OXT HXT  sing N N 204 
MET N   CA   sing N N 205 
MET N   H    sing N N 206 
MET N   H2   sing N N 207 
MET CA  C    sing N N 208 
MET CA  CB   sing N N 209 
MET CA  HA   sing N N 210 
MET C   O    doub N N 211 
MET C   OXT  sing N N 212 
MET CB  CG   sing N N 213 
MET CB  HB2  sing N N 214 
MET CB  HB3  sing N N 215 
MET CG  SD   sing N N 216 
MET CG  HG2  sing N N 217 
MET CG  HG3  sing N N 218 
MET SD  CE   sing N N 219 
MET CE  HE1  sing N N 220 
MET CE  HE2  sing N N 221 
MET CE  HE3  sing N N 222 
MET OXT HXT  sing N N 223 
PHE N   CA   sing N N 224 
PHE N   H    sing N N 225 
PHE N   H2   sing N N 226 
PHE CA  C    sing N N 227 
PHE CA  CB   sing N N 228 
PHE CA  HA   sing N N 229 
PHE C   O    doub N N 230 
PHE C   OXT  sing N N 231 
PHE CB  CG   sing N N 232 
PHE CB  HB2  sing N N 233 
PHE CB  HB3  sing N N 234 
PHE CG  CD1  doub Y N 235 
PHE CG  CD2  sing Y N 236 
PHE CD1 CE1  sing Y N 237 
PHE CD1 HD1  sing N N 238 
PHE CD2 CE2  doub Y N 239 
PHE CD2 HD2  sing N N 240 
PHE CE1 CZ   doub Y N 241 
PHE CE1 HE1  sing N N 242 
PHE CE2 CZ   sing Y N 243 
PHE CE2 HE2  sing N N 244 
PHE CZ  HZ   sing N N 245 
PHE OXT HXT  sing N N 246 
PRO N   CA   sing N N 247 
PRO N   CD   sing N N 248 
PRO N   H    sing N N 249 
PRO CA  C    sing N N 250 
PRO CA  CB   sing N N 251 
PRO CA  HA   sing N N 252 
PRO C   O    doub N N 253 
PRO C   OXT  sing N N 254 
PRO CB  CG   sing N N 255 
PRO CB  HB2  sing N N 256 
PRO CB  HB3  sing N N 257 
PRO CG  CD   sing N N 258 
PRO CG  HG2  sing N N 259 
PRO CG  HG3  sing N N 260 
PRO CD  HD2  sing N N 261 
PRO CD  HD3  sing N N 262 
PRO OXT HXT  sing N N 263 
SER N   CA   sing N N 264 
SER N   H    sing N N 265 
SER N   H2   sing N N 266 
SER CA  C    sing N N 267 
SER CA  CB   sing N N 268 
SER CA  HA   sing N N 269 
SER C   O    doub N N 270 
SER C   OXT  sing N N 271 
SER CB  OG   sing N N 272 
SER CB  HB2  sing N N 273 
SER CB  HB3  sing N N 274 
SER OG  HG   sing N N 275 
SER OXT HXT  sing N N 276 
SO4 S   O1   doub N N 277 
SO4 S   O2   doub N N 278 
SO4 S   O3   sing N N 279 
SO4 S   O4   sing N N 280 
THR N   CA   sing N N 281 
THR N   H    sing N N 282 
THR N   H2   sing N N 283 
THR CA  C    sing N N 284 
THR CA  CB   sing N N 285 
THR CA  HA   sing N N 286 
THR C   O    doub N N 287 
THR C   OXT  sing N N 288 
THR CB  OG1  sing N N 289 
THR CB  CG2  sing N N 290 
THR CB  HB   sing N N 291 
THR OG1 HG1  sing N N 292 
THR CG2 HG21 sing N N 293 
THR CG2 HG22 sing N N 294 
THR CG2 HG23 sing N N 295 
THR OXT HXT  sing N N 296 
TYR N   CA   sing N N 297 
TYR N   H    sing N N 298 
TYR N   H2   sing N N 299 
TYR CA  C    sing N N 300 
TYR CA  CB   sing N N 301 
TYR CA  HA   sing N N 302 
TYR C   O    doub N N 303 
TYR C   OXT  sing N N 304 
TYR CB  CG   sing N N 305 
TYR CB  HB2  sing N N 306 
TYR CB  HB3  sing N N 307 
TYR CG  CD1  doub Y N 308 
TYR CG  CD2  sing Y N 309 
TYR CD1 CE1  sing Y N 310 
TYR CD1 HD1  sing N N 311 
TYR CD2 CE2  doub Y N 312 
TYR CD2 HD2  sing N N 313 
TYR CE1 CZ   doub Y N 314 
TYR CE1 HE1  sing N N 315 
TYR CE2 CZ   sing Y N 316 
TYR CE2 HE2  sing N N 317 
TYR CZ  OH   sing N N 318 
TYR OH  HH   sing N N 319 
TYR OXT HXT  sing N N 320 
VAL N   CA   sing N N 321 
VAL N   H    sing N N 322 
VAL N   H2   sing N N 323 
VAL CA  C    sing N N 324 
VAL CA  CB   sing N N 325 
VAL CA  HA   sing N N 326 
VAL C   O    doub N N 327 
VAL C   OXT  sing N N 328 
VAL CB  CG1  sing N N 329 
VAL CB  CG2  sing N N 330 
VAL CB  HB   sing N N 331 
VAL CG1 HG11 sing N N 332 
VAL CG1 HG12 sing N N 333 
VAL CG1 HG13 sing N N 334 
VAL CG2 HG21 sing N N 335 
VAL CG2 HG22 sing N N 336 
VAL CG2 HG23 sing N N 337 
VAL OXT HXT  sing N N 338 
# 
_pdbx_initial_refinement_model.accession_code   ? 
_pdbx_initial_refinement_model.id               1 
_pdbx_initial_refinement_model.entity_id_list   ? 
_pdbx_initial_refinement_model.type             'in silico model' 
_pdbx_initial_refinement_model.source_name      Other 
_pdbx_initial_refinement_model.details          'de novo' 
# 
_atom_sites.entry_id                    2G0C 
_atom_sites.fract_transf_matrix[1][1]   0.01859784 
_atom_sites.fract_transf_matrix[1][2]   0.00320379 
_atom_sites.fract_transf_matrix[1][3]   0.00529301 
_atom_sites.fract_transf_matrix[2][1]   -0.00617604 
_atom_sites.fract_transf_matrix[2][2]   0.00861066 
_atom_sites.fract_transf_matrix[2][3]   0.01648857 
_atom_sites.fract_transf_matrix[3][1]   0.00029363 
_atom_sites.fract_transf_matrix[3][2]   -0.01374468 
_atom_sites.fract_transf_matrix[3][3]   0.00728773 
_atom_sites.fract_transf_vector[1]      0.564631 
_atom_sites.fract_transf_vector[2]      0.725843 
_atom_sites.fract_transf_vector[3]      0.320295 
# 
loop_
_atom_type.symbol 
C 
N 
O 
S 
# 
loop_
_atom_site.group_PDB 
_atom_site.id 
_atom_site.type_symbol 
_atom_site.label_atom_id 
_atom_site.label_alt_id 
_atom_site.label_comp_id 
_atom_site.label_asym_id 
_atom_site.label_entity_id 
_atom_site.label_seq_id 
_atom_site.pdbx_PDB_ins_code 
_atom_site.Cartn_x 
_atom_site.Cartn_y 
_atom_site.Cartn_z 
_atom_site.occupancy 
_atom_site.B_iso_or_equiv 
_atom_site.pdbx_formal_charge 
_atom_site.auth_seq_id 
_atom_site.auth_comp_id 
_atom_site.auth_asym_id 
_atom_site.auth_atom_id 
_atom_site.pdbx_PDB_model_num 
ATOM   1   N N   . MET A 1 1  ? -8.964  -1.728  5.213   1.00 25.84  ? 404  MET A N   1 
ATOM   2   C CA  . MET A 1 1  ? -8.682  -0.265  5.278   1.00 26.14  ? 404  MET A CA  1 
ATOM   3   C C   . MET A 1 1  ? -7.956  0.203   4.026   1.00 25.01  ? 404  MET A C   1 
ATOM   4   O O   . MET A 1 1  ? -6.992  -0.433  3.582   1.00 24.80  ? 404  MET A O   1 
ATOM   5   C CB  . MET A 1 1  ? -7.804  0.054   6.490   1.00 26.86  ? 404  MET A CB  1 
ATOM   6   C CG  . MET A 1 1  ? -7.303  1.485   6.489   1.00 29.35  ? 404  MET A CG  1 
ATOM   7   S SD  . MET A 1 1  ? -6.014  1.819   7.722   1.00 33.43  ? 404  MET A SD  1 
ATOM   8   C CE  . MET A 1 1  ? -6.944  1.547   9.127   1.00 28.87  ? 404  MET A CE  1 
ATOM   9   N N   . LYS A 1 2  ? -8.404  1.319   3.454   1.00 22.77  ? 405  LYS A N   1 
ATOM   10  C CA  . LYS A 1 2  ? -7.746  1.825   2.273   1.00 23.11  ? 405  LYS A CA  1 
ATOM   11  C C   . LYS A 1 2  ? -6.568  2.697   2.642   1.00 24.09  ? 405  LYS A C   1 
ATOM   12  O O   . LYS A 1 2  ? -6.690  3.619   3.450   1.00 27.18  ? 405  LYS A O   1 
ATOM   13  C CB  . LYS A 1 2  ? -8.726  2.621   1.392   1.00 21.61  ? 405  LYS A CB  1 
ATOM   14  C CG  . LYS A 1 2  ? -9.848  1.747   0.809   1.00 22.11  ? 405  LYS A CG  1 
ATOM   15  C CD  . LYS A 1 2  ? -10.943 2.610   0.125   1.00 18.73  ? 405  LYS A CD  1 
ATOM   16  C CE  . LYS A 1 2  ? -12.107 1.733   -0.372  1.00 20.23  ? 405  LYS A CE  1 
ATOM   17  N NZ  . LYS A 1 2  ? -12.744 0.915   0.723   1.00 20.97  ? 405  LYS A NZ  1 
ATOM   18  N N   . LEU A 1 3  ? -5.430  2.401   2.033   1.00 25.49  ? 406  LEU A N   1 
ATOM   19  C CA  . LEU A 1 3  ? -4.226  3.169   2.281   1.00 26.09  ? 406  LEU A CA  1 
ATOM   20  C C   . LEU A 1 3  ? -3.758  3.867   1.020   1.00 25.42  ? 406  LEU A C   1 
ATOM   21  O O   . LEU A 1 3  ? -3.428  3.237   0.008   1.00 25.18  ? 406  LEU A O   1 
ATOM   22  C CB  . LEU A 1 3  ? -3.118  2.262   2.836   1.00 28.28  ? 406  LEU A CB  1 
ATOM   23  C CG  . LEU A 1 3  ? -3.457  1.582   4.177   1.00 31.35  ? 406  LEU A CG  1 
ATOM   24  C CD1 . LEU A 1 3  ? -2.185  0.949   4.745   1.00 32.94  ? 406  LEU A CD1 1 
ATOM   25  C CD2 . LEU A 1 3  ? -4.006  2.581   5.180   1.00 33.28  ? 406  LEU A CD2 1 
ATOM   26  N N   . TYR A 1 4  ? -3.726  5.191   1.099   1.00 25.46  ? 407  TYR A N   1 
ATOM   27  C CA  . TYR A 1 4  ? -3.299  6.032   -0.004  1.00 24.59  ? 407  TYR A CA  1 
ATOM   28  C C   . TYR A 1 4  ? -1.794  6.194   -0.119  1.00 27.92  ? 407  TYR A C   1 
ATOM   29  O O   . TYR A 1 4  ? -1.083  6.226   0.892   1.00 28.10  ? 407  TYR A O   1 
ATOM   30  C CB  . TYR A 1 4  ? -3.881  7.437   0.160   1.00 23.26  ? 407  TYR A CB  1 
ATOM   31  C CG  . TYR A 1 4  ? -5.207  7.658   -0.528  1.00 20.19  ? 407  TYR A CG  1 
ATOM   32  C CD1 . TYR A 1 4  ? -6.410  7.279   0.067   1.00 20.67  ? 407  TYR A CD1 1 
ATOM   33  C CD2 . TYR A 1 4  ? -5.241  8.237   -1.786  1.00 21.69  ? 407  TYR A CD2 1 
ATOM   34  C CE1 . TYR A 1 4  ? -7.624  7.479   -0.592  1.00 17.81  ? 407  TYR A CE1 1 
ATOM   35  C CE2 . TYR A 1 4  ? -6.438  8.443   -2.455  1.00 20.89  ? 407  TYR A CE2 1 
ATOM   36  C CZ  . TYR A 1 4  ? -7.621  8.065   -1.856  1.00 19.04  ? 407  TYR A CZ  1 
ATOM   37  O OH  . TYR A 1 4  ? -8.772  8.284   -2.587  1.00 18.01  ? 407  TYR A OH  1 
ATOM   38  N N   . PHE A 1 5  ? -1.312  6.274   -1.356  1.00 29.11  ? 408  PHE A N   1 
ATOM   39  C CA  . PHE A 1 5  ? 0.087   6.569   -1.592  1.00 32.65  ? 408  PHE A CA  1 
ATOM   40  C C   . PHE A 1 5  ? 0.072   7.626   -2.687  1.00 35.05  ? 408  PHE A C   1 
ATOM   41  O O   . PHE A 1 5  ? -0.738  7.575   -3.615  1.00 33.18  ? 408  PHE A O   1 
ATOM   42  C CB  . PHE A 1 5  ? 0.948   5.323   -1.923  1.00 32.94  ? 408  PHE A CB  1 
ATOM   43  C CG  . PHE A 1 5  ? 0.497   4.506   -3.102  1.00 35.54  ? 408  PHE A CG  1 
ATOM   44  C CD1 . PHE A 1 5  ? 1.268   4.464   -4.264  1.00 36.33  ? 408  PHE A CD1 1 
ATOM   45  C CD2 . PHE A 1 5  ? -0.621  3.669   -3.012  1.00 36.81  ? 408  PHE A CD2 1 
ATOM   46  C CE1 . PHE A 1 5  ? 0.945   3.596   -5.311  1.00 36.08  ? 408  PHE A CE1 1 
ATOM   47  C CE2 . PHE A 1 5  ? -0.958  2.792   -4.060  1.00 36.39  ? 408  PHE A CE2 1 
ATOM   48  C CZ  . PHE A 1 5  ? -0.169  2.755   -5.209  1.00 36.39  ? 408  PHE A CZ  1 
ATOM   49  N N   . ASN A 1 6  ? 0.916   8.639   -2.542  1.00 37.20  ? 409  ASN A N   1 
ATOM   50  C CA  . ASN A 1 6  ? 0.929   9.715   -3.522  1.00 39.96  ? 409  ASN A CA  1 
ATOM   51  C C   . ASN A 1 6  ? 1.618   9.316   -4.816  1.00 41.21  ? 409  ASN A C   1 
ATOM   52  O O   . ASN A 1 6  ? 2.515   10.002  -5.293  1.00 42.71  ? 409  ASN A O   1 
ATOM   53  C CB  . ASN A 1 6  ? 1.579   10.971  -2.919  1.00 41.76  ? 409  ASN A CB  1 
ATOM   54  C CG  . ASN A 1 6  ? 3.049   10.767  -2.580  1.00 43.89  ? 409  ASN A CG  1 
ATOM   55  O OD1 . ASN A 1 6  ? 3.493   9.648   -2.303  1.00 44.09  ? 409  ASN A OD1 1 
ATOM   56  N ND2 . ASN A 1 6  ? 3.811   11.859  -2.590  1.00 45.07  ? 409  ASN A ND2 1 
ATOM   57  N N   . GLY A 1 7  ? 1.187   8.196   -5.384  1.00 41.61  ? 410  GLY A N   1 
ATOM   58  C CA  . GLY A 1 7  ? 1.747   7.723   -6.635  1.00 42.70  ? 410  GLY A CA  1 
ATOM   59  C C   . GLY A 1 7  ? 0.640   7.073   -7.443  1.00 44.07  ? 410  GLY A C   1 
ATOM   60  O O   . GLY A 1 7  ? -0.018  6.154   -6.943  1.00 45.27  ? 410  GLY A O   1 
ATOM   61  N N   . GLY A 1 8  ? 0.418   7.551   -8.669  1.00 44.52  ? 411  GLY A N   1 
ATOM   62  C CA  . GLY A 1 8  ? -0.621  7.001   -9.529  1.00 44.02  ? 411  GLY A CA  1 
ATOM   63  C C   . GLY A 1 8  ? -0.175  6.802   -10.973 1.00 45.28  ? 411  GLY A C   1 
ATOM   64  O O   . GLY A 1 8  ? 0.984   6.458   -11.228 1.00 44.53  ? 411  GLY A O   1 
ATOM   65  N N   . LYS A 1 9  ? -1.088  7.020   -11.921 1.00 45.12  ? 412  LYS A N   1 
ATOM   66  C CA  . LYS A 1 9  ? -0.769  6.855   -13.334 1.00 46.99  ? 412  LYS A CA  1 
ATOM   67  C C   . LYS A 1 9  ? 0.376   7.789   -13.712 1.00 49.09  ? 412  LYS A C   1 
ATOM   68  O O   . LYS A 1 9  ? 1.323   7.389   -14.396 1.00 49.39  ? 412  LYS A O   1 
ATOM   69  C CB  . LYS A 1 9  ? -2.004  7.137   -14.204 1.00 46.11  ? 412  LYS A CB  1 
ATOM   70  C CG  . LYS A 1 9  ? -3.075  6.033   -14.136 1.00 43.95  ? 412  LYS A CG  1 
ATOM   71  C CD  . LYS A 1 9  ? -4.201  6.235   -15.150 1.00 41.99  ? 412  LYS A CD  1 
ATOM   72  C CE  . LYS A 1 9  ? -5.152  7.345   -14.732 1.00 41.55  ? 412  LYS A CE  1 
ATOM   73  N NZ  . LYS A 1 9  ? -6.302  7.487   -15.654 1.00 37.59  ? 412  LYS A NZ  1 
ATOM   74  N N   . LYS A 1 10 ? 0.291   9.034   -13.254 1.00 50.53  ? 413  LYS A N   1 
ATOM   75  C CA  . LYS A 1 10 ? 1.339   10.008  -13.529 1.00 51.79  ? 413  LYS A CA  1 
ATOM   76  C C   . LYS A 1 10 ? 2.457   9.816   -12.507 1.00 52.14  ? 413  LYS A C   1 
ATOM   77  O O   . LYS A 1 10 ? 3.189   8.820   -12.541 1.00 53.58  ? 413  LYS A O   1 
ATOM   78  C CB  . LYS A 1 10 ? 0.789   11.432  -13.427 1.00 52.15  ? 413  LYS A CB  1 
ATOM   79  C CG  . LYS A 1 10 ? -0.401  11.741  -14.335 1.00 52.27  ? 413  LYS A CG  1 
ATOM   80  C CD  . LYS A 1 10 ? -0.721  13.232  -14.286 1.00 52.70  ? 413  LYS A CD  1 
ATOM   81  C CE  . LYS A 1 10 ? -1.804  13.637  -15.271 1.00 52.33  ? 413  LYS A CE  1 
ATOM   82  N NZ  . LYS A 1 10 ? -3.129  13.060  -14.934 1.00 52.83  ? 413  LYS A NZ  1 
ATOM   83  N N   A ALA A 1 15 ? 0.377   -1.715  -9.876  0.50 38.01  ? 418  ALA A N   1 
ATOM   84  N N   B ALA A 1 15 ? 1.841   -0.027  -9.697  0.50 46.47  ? 418  ALA A N   1 
ATOM   85  C CA  A ALA A 1 15 ? -0.196  -2.614  -8.880  0.50 37.78  ? 418  ALA A CA  1 
ATOM   86  C CA  B ALA A 1 15 ? 0.841   -1.042  -9.399  0.50 45.27  ? 418  ALA A CA  1 
ATOM   87  C C   A ALA A 1 15 ? 0.863   -3.583  -8.369  0.50 37.81  ? 418  ALA A C   1 
ATOM   88  C C   B ALA A 1 15 ? 1.515   -2.338  -8.982  0.50 44.89  ? 418  ALA A C   1 
ATOM   89  O O   A ALA A 1 15 ? 0.905   -3.909  -7.182  0.50 36.74  ? 418  ALA A O   1 
ATOM   90  O O   B ALA A 1 15 ? 0.845   -3.329  -8.677  0.50 44.99  ? 418  ALA A O   1 
ATOM   91  C CB  A ALA A 1 15 ? -1.359  -3.383  -9.484  0.50 38.05  ? 418  ALA A CB  1 
ATOM   92  C CB  B ALA A 1 15 ? -0.034  -1.292  -10.620 0.50 46.61  ? 418  ALA A CB  1 
ATOM   93  N N   A VAL A 1 16 ? 1.717   -4.038  -9.280  0.50 37.44  ? 419  VAL A N   1 
ATOM   94  N N   B VAL A 1 16 ? 2.842   -2.330  -8.964  0.50 42.10  ? 419  VAL A N   1 
ATOM   95  C CA  A VAL A 1 16 ? 2.785   -4.963  -8.933  0.50 38.05  ? 419  VAL A CA  1 
ATOM   96  C CA  B VAL A 1 16 ? 3.575   -3.531  -8.604  0.50 39.21  ? 419  VAL A CA  1 
ATOM   97  C C   A VAL A 1 16 ? 3.786   -4.296  -7.987  0.50 37.66  ? 419  VAL A C   1 
ATOM   98  C C   B VAL A 1 16 ? 4.705   -3.281  -7.612  0.50 36.30  ? 419  VAL A C   1 
ATOM   99  O O   A VAL A 1 16 ? 4.405   -4.964  -7.155  0.50 37.69  ? 419  VAL A O   1 
ATOM   100 O O   B VAL A 1 16 ? 5.035   -4.155  -6.816  0.50 35.76  ? 419  VAL A O   1 
ATOM   101 C CB  A VAL A 1 16 ? 3.530   -5.442  -10.201 0.50 38.78  ? 419  VAL A CB  1 
ATOM   102 C CB  B VAL A 1 16 ? 4.146   -4.214  -9.878  0.50 40.10  ? 419  VAL A CB  1 
ATOM   103 C CG1 A VAL A 1 16 ? 4.219   -4.265  -10.874 0.50 39.38  ? 419  VAL A CG1 1 
ATOM   104 C CG1 B VAL A 1 16 ? 5.116   -3.276  -10.582 0.50 40.56  ? 419  VAL A CG1 1 
ATOM   105 C CG2 A VAL A 1 16 ? 4.533   -6.519  -9.842  0.50 39.85  ? 419  VAL A CG2 1 
ATOM   106 C CG2 B VAL A 1 16 ? 4.819   -5.529  -9.516  0.50 40.89  ? 419  VAL A CG2 1 
ATOM   107 N N   A ASP A 1 17 ? 3.939   -2.981  -8.119  0.50 36.69  ? 420  ASP A N   1 
ATOM   108 N N   B ASP A 1 17 ? 5.291   -2.089  -7.655  0.50 33.90  ? 420  ASP A N   1 
ATOM   109 C CA  A ASP A 1 17 ? 4.865   -2.229  -7.282  0.50 37.10  ? 420  ASP A CA  1 
ATOM   110 C CA  B ASP A 1 17 ? 6.395   -1.756  -6.760  0.50 31.65  ? 420  ASP A CA  1 
ATOM   111 C C   A ASP A 1 17 ? 4.441   -2.197  -5.823  0.50 36.96  ? 420  ASP A C   1 
ATOM   112 C C   B ASP A 1 17 ? 5.931   -1.442  -5.339  0.50 29.42  ? 420  ASP A C   1 
ATOM   113 O O   A ASP A 1 17 ? 5.266   -2.384  -4.925  0.50 36.09  ? 420  ASP A O   1 
ATOM   114 O O   B ASP A 1 17 ? 6.531   -1.904  -4.366  0.50 26.98  ? 420  ASP A O   1 
ATOM   115 C CB  A ASP A 1 17 ? 5.002   -0.791  -7.782  0.50 38.20  ? 420  ASP A CB  1 
ATOM   116 C CB  B ASP A 1 17 ? 7.185   -0.577  -7.324  0.50 33.50  ? 420  ASP A CB  1 
ATOM   117 C CG  A ASP A 1 17 ? 5.824   -0.689  -9.042  0.50 39.68  ? 420  ASP A CG  1 
ATOM   118 C CG  B ASP A 1 17 ? 7.973   -0.949  -8.562  0.50 34.67  ? 420  ASP A CG  1 
ATOM   119 O OD1 A ASP A 1 17 ? 7.005   -1.099  -9.015  0.50 42.54  ? 420  ASP A OD1 1 
ATOM   120 O OD1 B ASP A 1 17 ? 7.433   -1.682  -9.415  0.50 37.30  ? 420  ASP A OD1 1 
ATOM   121 O OD2 A ASP A 1 17 ? 5.291   -0.200  -10.060 0.50 39.78  ? 420  ASP A OD2 1 
ATOM   122 O OD2 B ASP A 1 17 ? 9.128   -0.504  -8.687  0.50 36.17  ? 420  ASP A OD2 1 
ATOM   123 N N   A PHE A 1 18 ? 3.158   -1.955  -5.576  0.50 37.29  ? 421  PHE A N   1 
ATOM   124 N N   B PHE A 1 18 ? 4.869   -0.653  -5.219  0.50 26.41  ? 421  PHE A N   1 
ATOM   125 C CA  A PHE A 1 18 ? 2.717   -1.906  -4.196  0.50 37.55  ? 421  PHE A CA  1 
ATOM   126 C CA  B PHE A 1 18 ? 4.343   -0.311  -3.907  0.50 26.26  ? 421  PHE A CA  1 
ATOM   127 C C   A PHE A 1 18 ? 2.475   -3.273  -3.585  0.50 36.53  ? 421  PHE A C   1 
ATOM   128 C C   B PHE A 1 18 ? 3.881   -1.585  -3.197  0.50 24.14  ? 421  PHE A C   1 
ATOM   129 O O   A PHE A 1 18 ? 2.519   -3.420  -2.367  0.50 37.02  ? 421  PHE A O   1 
ATOM   130 O O   B PHE A 1 18 ? 4.299   -1.864  -2.075  0.50 22.68  ? 421  PHE A O   1 
ATOM   131 C CB  A PHE A 1 18 ? 1.496   -0.995  -4.045  0.50 39.91  ? 421  PHE A CB  1 
ATOM   132 C CB  B PHE A 1 18 ? 3.181   0.675   -4.045  0.50 28.97  ? 421  PHE A CB  1 
ATOM   133 C CG  A PHE A 1 18 ? 1.743   0.162   -3.113  0.50 41.44  ? 421  PHE A CG  1 
ATOM   134 C CG  B PHE A 1 18 ? 2.566   1.073   -2.733  0.50 31.28  ? 421  PHE A CG  1 
ATOM   135 C CD1 A PHE A 1 18 ? 2.918   0.907   -3.220  0.50 42.52  ? 421  PHE A CD1 1 
ATOM   136 C CD1 B PHE A 1 18 ? 3.334   1.683   -1.744  0.50 32.31  ? 421  PHE A CD1 1 
ATOM   137 C CD2 A PHE A 1 18 ? 0.847   0.466   -2.094  0.50 42.36  ? 421  PHE A CD2 1 
ATOM   138 C CD2 B PHE A 1 18 ? 1.221   0.835   -2.483  0.50 31.53  ? 421  PHE A CD2 1 
ATOM   139 C CE1 A PHE A 1 18 ? 3.202   1.930   -2.317  0.50 43.01  ? 421  PHE A CE1 1 
ATOM   140 C CE1 B PHE A 1 18 ? 2.766   2.053   -0.526  0.50 32.45  ? 421  PHE A CE1 1 
ATOM   141 C CE2 A PHE A 1 18 ? 1.120   1.488   -1.183  0.50 42.68  ? 421  PHE A CE2 1 
ATOM   142 C CE2 B PHE A 1 18 ? 0.643   1.202   -1.265  0.50 32.45  ? 421  PHE A CE2 1 
ATOM   143 C CZ  A PHE A 1 18 ? 2.302   2.221   -1.295  0.50 43.01  ? 421  PHE A CZ  1 
ATOM   144 C CZ  B PHE A 1 18 ? 1.421   1.812   -0.285  0.50 33.86  ? 421  PHE A CZ  1 
ATOM   145 N N   A VAL A 1 19 ? 2.219   -4.280  -4.409  0.50 34.94  ? 422  VAL A N   1 
ATOM   146 N N   B VAL A 1 19 ? 3.029   -2.364  -3.862  0.50 22.44  ? 422  VAL A N   1 
ATOM   147 C CA  A VAL A 1 19 ? 2.051   -5.612  -3.852  0.50 33.07  ? 422  VAL A CA  1 
ATOM   148 C CA  B VAL A 1 19 ? 2.520   -3.608  -3.290  0.50 20.58  ? 422  VAL A CA  1 
ATOM   149 C C   A VAL A 1 19 ? 3.433   -5.996  -3.335  0.50 33.39  ? 422  VAL A C   1 
ATOM   150 C C   B VAL A 1 19 ? 3.616   -4.663  -3.104  0.50 21.38  ? 422  VAL A C   1 
ATOM   151 O O   A VAL A 1 19 ? 3.569   -6.498  -2.225  0.50 31.47  ? 422  VAL A O   1 
ATOM   152 O O   B VAL A 1 19 ? 3.512   -5.534  -2.235  0.50 21.13  ? 422  VAL A O   1 
ATOM   153 C CB  A VAL A 1 19 ? 1.626   -6.646  -4.900  0.50 33.68  ? 422  VAL A CB  1 
ATOM   154 C CB  B VAL A 1 19 ? 1.398   -4.209  -4.162  0.50 20.44  ? 422  VAL A CB  1 
ATOM   155 C CG1 A VAL A 1 19 ? 1.691   -8.047  -4.287  0.50 33.13  ? 422  VAL A CG1 1 
ATOM   156 C CG1 B VAL A 1 19 ? 0.256   -3.204  -4.310  0.50 20.05  ? 422  VAL A CG1 1 
ATOM   157 C CG2 A VAL A 1 19 ? 0.223   -6.350  -5.381  0.50 32.61  ? 422  VAL A CG2 1 
ATOM   158 C CG2 B VAL A 1 19 ? 1.947   -4.604  -5.514  0.50 20.91  ? 422  VAL A CG2 1 
ATOM   159 N N   A GLY A 1 20 ? 4.451   -5.737  -4.158  0.50 32.43  ? 423  GLY A N   1 
ATOM   160 N N   B GLY A 1 20 ? 4.649   -4.608  -3.936  0.50 21.39  ? 423  GLY A N   1 
ATOM   161 C CA  A GLY A 1 20 ? 5.821   -6.057  -3.794  0.50 31.06  ? 423  GLY A CA  1 
ATOM   162 C CA  B GLY A 1 20 ? 5.738   -5.558  -3.798  0.50 20.64  ? 423  GLY A CA  1 
ATOM   163 C C   A GLY A 1 20 ? 6.318   -5.284  -2.584  0.50 30.66  ? 423  GLY A C   1 
ATOM   164 C C   B GLY A 1 20 ? 6.398   -5.237  -2.474  0.50 19.67  ? 423  GLY A C   1 
ATOM   165 O O   A GLY A 1 20 ? 6.872   -5.837  -1.632  0.50 28.49  ? 423  GLY A O   1 
ATOM   166 O O   B GLY A 1 20 ? 6.920   -6.111  -1.783  0.50 18.67  ? 423  GLY A O   1 
ATOM   167 N N   . THR A 1 21 ? 6.359   -3.962  -2.114  1.00 20.79  ? 424  THR A N   1 
ATOM   168 C CA  . THR A 1 21 ? 6.943   -3.510  -0.862  1.00 22.49  ? 424  THR A CA  1 
ATOM   169 C C   . THR A 1 21 ? 6.029   -3.955  0.260   1.00 20.39  ? 424  THR A C   1 
ATOM   170 O O   . THR A 1 21 ? 6.492   -4.416  1.291   1.00 20.16  ? 424  THR A O   1 
ATOM   171 C CB  . THR A 1 21 ? 7.088   -1.967  -0.832  1.00 26.01  ? 424  THR A CB  1 
ATOM   172 O OG1 . THR A 1 21 ? 7.990   -1.562  -1.867  1.00 28.99  ? 424  THR A OG1 1 
ATOM   173 C CG2 . THR A 1 21 ? 7.647   -1.504  0.501   1.00 24.66  ? 424  THR A CG2 1 
ATOM   174 N N   . ILE A 1 22 ? 4.724   -3.869  0.042   1.00 20.23  ? 425  ILE A N   1 
ATOM   175 C CA  . ILE A 1 22 ? 3.789   -4.261  1.097   1.00 17.96  ? 425  ILE A CA  1 
ATOM   176 C C   . ILE A 1 22 ? 3.895   -5.739  1.458   1.00 18.14  ? 425  ILE A C   1 
ATOM   177 O O   . ILE A 1 22 ? 3.827   -6.122  2.630   1.00 16.85  ? 425  ILE A O   1 
ATOM   178 C CB  . ILE A 1 22 ? 2.311   -3.911  0.707   1.00 19.34  ? 425  ILE A CB  1 
ATOM   179 C CG1 . ILE A 1 22 ? 2.185   -2.388  0.555   1.00 22.21  ? 425  ILE A CG1 1 
ATOM   180 C CG2 . ILE A 1 22 ? 1.339   -4.394  1.791   1.00 17.68  ? 425  ILE A CG2 1 
ATOM   181 C CD1 . ILE A 1 22 ? 0.753   -1.898  0.293   1.00 24.09  ? 425  ILE A CD1 1 
ATOM   182 N N   . ALA A 1 23 ? 4.093   -6.586  0.454   1.00 18.29  ? 426  ALA A N   1 
ATOM   183 C CA  . ALA A 1 23 ? 4.156   -8.001  0.740   1.00 18.31  ? 426  ALA A CA  1 
ATOM   184 C C   . ALA A 1 23 ? 5.370   -8.367  1.579   1.00 19.16  ? 426  ALA A C   1 
ATOM   185 O O   . ALA A 1 23 ? 5.382   -9.438  2.195   1.00 19.63  ? 426  ALA A O   1 
ATOM   186 C CB  . ALA A 1 23 ? 4.125   -8.822  -0.576  1.00 19.53  ? 426  ALA A CB  1 
ATOM   187 N N   . LYS A 1 24 ? 6.390   -7.511  1.595   1.00 18.61  ? 427  LYS A N   1 
ATOM   188 C CA  . LYS A 1 24 ? 7.573   -7.799  2.415   1.00 18.04  ? 427  LYS A CA  1 
ATOM   189 C C   . LYS A 1 24 ? 7.474   -7.234  3.844   1.00 17.13  ? 427  LYS A C   1 
ATOM   190 O O   . LYS A 1 24 ? 8.395   -7.414  4.635   1.00 17.61  ? 427  LYS A O   1 
ATOM   191 C CB  . LYS A 1 24 ? 8.856   -7.288  1.748   1.00 20.13  ? 427  LYS A CB  1 
ATOM   192 C CG  . LYS A 1 24 ? 9.228   -8.085  0.485   1.00 21.56  ? 427  LYS A CG  1 
ATOM   193 C CD  . LYS A 1 24 ? 10.513  -7.618  -0.155  1.00 23.50  ? 427  LYS A CD  1 
ATOM   194 C CE  . LYS A 1 24 ? 10.459  -6.179  -0.595  1.00 28.34  ? 427  LYS A CE  1 
ATOM   195 N NZ  . LYS A 1 24 ? 11.509  -5.961  -1.655  1.00 31.10  ? 427  LYS A NZ  1 
ATOM   196 N N   . ILE A 1 25 ? 6.368   -6.585  4.193   1.00 16.58  ? 428  ILE A N   1 
ATOM   197 C CA  . ILE A 1 25 ? 6.220   -6.048  5.557   1.00 15.30  ? 428  ILE A CA  1 
ATOM   198 C C   . ILE A 1 25 ? 6.083   -7.169  6.605   1.00 14.83  ? 428  ILE A C   1 
ATOM   199 O O   . ILE A 1 25 ? 5.445   -8.182  6.374   1.00 16.81  ? 428  ILE A O   1 
ATOM   200 C CB  . ILE A 1 25 ? 4.987   -5.095  5.666   1.00 16.02  ? 428  ILE A CB  1 
ATOM   201 C CG1 . ILE A 1 25 ? 5.285   -3.784  4.927   1.00 14.94  ? 428  ILE A CG1 1 
ATOM   202 C CG2 . ILE A 1 25 ? 4.660   -4.784  7.156   1.00 14.96  ? 428  ILE A CG2 1 
ATOM   203 C CD1 . ILE A 1 25 ? 3.980   -2.947  4.672   1.00 15.44  ? 428  ILE A CD1 1 
ATOM   204 N N   . ASP A 1 26 ? 6.768   -7.004  7.735   1.00 14.89  ? 429  ASP A N   1 
ATOM   205 C CA  . ASP A 1 26 ? 6.713   -7.939  8.846   1.00 16.21  ? 429  ASP A CA  1 
ATOM   206 C C   . ASP A 1 26 ? 5.250   -8.257  9.247   1.00 16.31  ? 429  ASP A C   1 
ATOM   207 O O   . ASP A 1 26 ? 4.469   -7.356  9.545   1.00 17.37  ? 429  ASP A O   1 
ATOM   208 C CB  . ASP A 1 26 ? 7.479   -7.287  9.997   1.00 16.92  ? 429  ASP A CB  1 
ATOM   209 C CG  . ASP A 1 26 ? 7.533   -8.149  11.254  1.00 18.43  ? 429  ASP A CG  1 
ATOM   210 O OD1 . ASP A 1 26 ? 7.393   -9.395  11.171  1.00 16.90  ? 429  ASP A OD1 1 
ATOM   211 O OD2 . ASP A 1 26 ? 7.722   -7.529  12.323  1.00 18.42  ? 429  ASP A OD2 1 
ATOM   212 N N   . GLY A 1 27 ? 4.882   -9.538  9.210   1.00 15.73  ? 430  GLY A N   1 
ATOM   213 C CA  . GLY A 1 27 ? 3.555   -9.950  9.605   1.00 16.99  ? 430  GLY A CA  1 
ATOM   214 C C   . GLY A 1 27 ? 2.476   -9.795  8.547   1.00 18.69  ? 430  GLY A C   1 
ATOM   215 O O   . GLY A 1 27 ? 1.299   -9.908  8.865   1.00 20.41  ? 430  GLY A O   1 
ATOM   216 N N   . VAL A 1 28 ? 2.882   -9.554  7.306   1.00 17.72  ? 431  VAL A N   1 
ATOM   217 C CA  . VAL A 1 28 ? 1.951   -9.331  6.201   1.00 16.27  ? 431  VAL A CA  1 
ATOM   218 C C   . VAL A 1 28 ? 2.364   -10.208 5.030   1.00 17.97  ? 431  VAL A C   1 
ATOM   219 O O   . VAL A 1 28 ? 3.527   -10.535 4.893   1.00 16.30  ? 431  VAL A O   1 
ATOM   220 C CB  . VAL A 1 28 ? 2.045   -7.858  5.738   1.00 16.00  ? 431  VAL A CB  1 
ATOM   221 C CG1 . VAL A 1 28 ? 1.135   -7.612  4.522   1.00 16.02  ? 431  VAL A CG1 1 
ATOM   222 C CG2 . VAL A 1 28 ? 1.646   -6.916  6.917   1.00 17.35  ? 431  VAL A CG2 1 
ATOM   223 N N   . SER A 1 29 ? 1.399   -10.644 4.226   1.00 19.07  ? 432  SER A N   1 
ATOM   224 C CA  . SER A 1 29 ? 1.727   -11.405 3.018   1.00 20.53  ? 432  SER A CA  1 
ATOM   225 C C   . SER A 1 29 ? 0.752   -10.938 1.950   1.00 22.62  ? 432  SER A C   1 
ATOM   226 O O   . SER A 1 29 ? -0.132  -10.150 2.238   1.00 19.40  ? 432  SER A O   1 
ATOM   227 C CB  . SER A 1 29 ? 1.546   -12.909 3.218   1.00 22.32  ? 432  SER A CB  1 
ATOM   228 O OG  . SER A 1 29 ? 0.187   -13.242 3.170   1.00 23.93  ? 432  SER A OG  1 
ATOM   229 N N   . ALA A 1 30 ? 0.896   -11.460 0.731   1.00 23.45  ? 433  ALA A N   1 
ATOM   230 C CA  . ALA A 1 30 ? 0.007   -11.095 -0.377  1.00 24.07  ? 433  ALA A CA  1 
ATOM   231 C C   . ALA A 1 30 ? -1.483  -11.312 -0.048  1.00 24.62  ? 433  ALA A C   1 
ATOM   232 O O   . ALA A 1 30 ? -2.356  -10.609 -0.566  1.00 22.92  ? 433  ALA A O   1 
ATOM   233 C CB  . ALA A 1 30 ? 0.389   -11.901 -1.617  1.00 24.39  ? 433  ALA A CB  1 
ATOM   234 N N   . ASP A 1 31 ? -1.779  -12.276 0.813   1.00 25.40  ? 434  ASP A N   1 
ATOM   235 C CA  . ASP A 1 31 ? -3.162  -12.560 1.182   1.00 26.03  ? 434  ASP A CA  1 
ATOM   236 C C   . ASP A 1 31 ? -3.823  -11.410 1.955   1.00 25.51  ? 434  ASP A C   1 
ATOM   237 O O   . ASP A 1 31 ? -5.038  -11.390 2.128   1.00 24.66  ? 434  ASP A O   1 
ATOM   238 C CB  . ASP A 1 31 ? -3.246  -13.845 2.006   1.00 31.42  ? 434  ASP A CB  1 
ATOM   239 C CG  . ASP A 1 31 ? -2.747  -15.064 1.245   1.00 34.72  ? 434  ASP A CG  1 
ATOM   240 O OD1 . ASP A 1 31 ? -2.795  -15.055 -0.007  1.00 36.02  ? 434  ASP A OD1 1 
ATOM   241 O OD2 . ASP A 1 31 ? -2.321  -16.038 1.907   1.00 38.64  ? 434  ASP A OD2 1 
ATOM   242 N N   . ASP A 1 32 ? -3.026  -10.457 2.427   1.00 22.21  ? 435  ASP A N   1 
ATOM   243 C CA  . ASP A 1 32 ? -3.585  -9.315  3.166   1.00 22.54  ? 435  ASP A CA  1 
ATOM   244 C C   . ASP A 1 32 ? -3.714  -8.099  2.263   1.00 20.51  ? 435  ASP A C   1 
ATOM   245 O O   . ASP A 1 32 ? -4.034  -7.028  2.731   1.00 22.81  ? 435  ASP A O   1 
ATOM   246 C CB  . ASP A 1 32 ? -2.689  -8.924  4.344   1.00 21.98  ? 435  ASP A CB  1 
ATOM   247 C CG  . ASP A 1 32 ? -2.482  -10.050 5.315   1.00 22.97  ? 435  ASP A CG  1 
ATOM   248 O OD1 . ASP A 1 32 ? -3.488  -10.632 5.776   1.00 23.10  ? 435  ASP A OD1 1 
ATOM   249 O OD2 . ASP A 1 32 ? -1.300  -10.339 5.624   1.00 24.03  ? 435  ASP A OD2 1 
ATOM   250 N N   . ILE A 1 33 ? -3.421  -8.262  0.983   1.00 20.88  ? 436  ILE A N   1 
ATOM   251 C CA  . ILE A 1 33 ? -3.521  -7.161  0.034   1.00 21.86  ? 436  ILE A CA  1 
ATOM   252 C C   . ILE A 1 33 ? -4.769  -7.375  -0.822  1.00 22.83  ? 436  ILE A C   1 
ATOM   253 O O   . ILE A 1 33 ? -4.870  -8.367  -1.555  1.00 22.97  ? 436  ILE A O   1 
ATOM   254 C CB  . ILE A 1 33 ? -2.302  -7.103  -0.864  1.00 20.86  ? 436  ILE A CB  1 
ATOM   255 C CG1 . ILE A 1 33 ? -1.060  -6.909  0.027   1.00 21.84  ? 436  ILE A CG1 1 
ATOM   256 C CG2 . ILE A 1 33 ? -2.434  -5.959  -1.888  1.00 21.08  ? 436  ILE A CG2 1 
ATOM   257 C CD1 . ILE A 1 33 ? 0.234   -6.910  -0.729  1.00 25.43  ? 436  ILE A CD1 1 
ATOM   258 N N   . GLY A 1 34 ? -5.702  -6.439  -0.698  1.00 22.37  ? 437  GLY A N   1 
ATOM   259 C CA  . GLY A 1 34 ? -6.947  -6.505  -1.443  1.00 22.11  ? 437  GLY A CA  1 
ATOM   260 C C   . GLY A 1 34 ? -6.874  -5.768  -2.766  1.00 21.64  ? 437  GLY A C   1 
ATOM   261 O O   . GLY A 1 34 ? -5.882  -5.816  -3.467  1.00 22.25  ? 437  GLY A O   1 
ATOM   262 N N   . ILE A 1 35 ? -7.966  -5.079  -3.100  1.00 22.25  ? 438  ILE A N   1 
ATOM   263 C CA  . ILE A 1 35 ? -8.096  -4.350  -4.352  1.00 21.96  ? 438  ILE A CA  1 
ATOM   264 C C   . ILE A 1 35 ? -7.151  -3.154  -4.450  1.00 21.13  ? 438  ILE A C   1 
ATOM   265 O O   . ILE A 1 35 ? -6.972  -2.425  -3.477  1.00 23.57  ? 438  ILE A O   1 
ATOM   266 C CB  . ILE A 1 35 ? -9.581  -3.871  -4.531  1.00 19.59  ? 438  ILE A CB  1 
ATOM   267 C CG1 . ILE A 1 35 ? -10.510 -5.092  -4.668  1.00 22.19  ? 438  ILE A CG1 1 
ATOM   268 C CG2 . ILE A 1 35 ? -9.723  -3.011  -5.783  1.00 20.95  ? 438  ILE A CG2 1 
ATOM   269 C CD1 . ILE A 1 35 ? -12.030 -4.773  -4.534  1.00 23.14  ? 438  ILE A CD1 1 
ATOM   270 N N   . ILE A 1 36 ? -6.576  -2.957  -5.633  1.00 19.40  ? 439  ILE A N   1 
ATOM   271 C CA  . ILE A 1 36 ? -5.675  -1.829  -5.897  1.00 21.40  ? 439  ILE A CA  1 
ATOM   272 C C   . ILE A 1 36 ? -6.368  -0.830  -6.820  1.00 19.62  ? 439  ILE A C   1 
ATOM   273 O O   . ILE A 1 36 ? -6.896  -1.197  -7.868  1.00 18.07  ? 439  ILE A O   1 
ATOM   274 C CB  . ILE A 1 36 ? -4.365  -2.314  -6.561  1.00 23.98  ? 439  ILE A CB  1 
ATOM   275 C CG1 . ILE A 1 36 ? -3.668  -3.290  -5.615  1.00 26.07  ? 439  ILE A CG1 1 
ATOM   276 C CG2 . ILE A 1 36 ? -3.489  -1.117  -6.958  1.00 24.63  ? 439  ILE A CG2 1 
ATOM   277 C CD1 . ILE A 1 36 ? -2.573  -4.143  -6.300  1.00 30.34  ? 439  ILE A CD1 1 
ATOM   278 N N   . THR A 1 37 ? -6.384  0.444   -6.436  1.00 17.22  ? 440  THR A N   1 
ATOM   279 C CA  . THR A 1 37 ? -7.040  1.459   -7.259  1.00 17.10  ? 440  THR A CA  1 
ATOM   280 C C   . THR A 1 37 ? -6.040  2.546   -7.675  1.00 18.58  ? 440  THR A C   1 
ATOM   281 O O   . THR A 1 37 ? -5.402  3.192   -6.835  1.00 17.91  ? 440  THR A O   1 
ATOM   282 C CB  . THR A 1 37 ? -8.219  2.124   -6.476  1.00 16.37  ? 440  THR A CB  1 
ATOM   283 O OG1 . THR A 1 37 ? -9.155  1.115   -6.077  1.00 18.05  ? 440  THR A OG1 1 
ATOM   284 C CG2 . THR A 1 37 ? -8.928  3.181   -7.356  1.00 16.99  ? 440  THR A CG2 1 
ATOM   285 N N   . ILE A 1 38 ? -5.933  2.754   -8.982  1.00 19.43  ? 441  ILE A N   1 
ATOM   286 C CA  . ILE A 1 38 ? -4.993  3.734   -9.527  1.00 22.32  ? 441  ILE A CA  1 
ATOM   287 C C   . ILE A 1 38 ? -5.662  4.886   -10.229 1.00 22.59  ? 441  ILE A C   1 
ATOM   288 O O   . ILE A 1 38 ? -6.428  4.708   -11.174 1.00 23.13  ? 441  ILE A O   1 
ATOM   289 C CB  . ILE A 1 38 ? -3.985  3.022   -10.468 1.00 23.40  ? 441  ILE A CB  1 
ATOM   290 C CG1 . ILE A 1 38 ? -3.274  1.925   -9.668  1.00 25.12  ? 441  ILE A CG1 1 
ATOM   291 C CG2 . ILE A 1 38 ? -2.949  4.022   -11.007 1.00 24.86  ? 441  ILE A CG2 1 
ATOM   292 C CD1 . ILE A 1 38 ? -2.261  1.097   -10.483 1.00 32.02  ? 441  ILE A CD1 1 
ATOM   293 N N   . MET A 1 39 ? -5.392  6.094   -9.745  1.00 24.04  ? 442  MET A N   1 
ATOM   294 C CA  . MET A 1 39 ? -5.983  7.287   -10.311 1.00 25.91  ? 442  MET A CA  1 
ATOM   295 C C   . MET A 1 39 ? -4.848  8.149   -10.879 1.00 28.52  ? 442  MET A C   1 
ATOM   296 O O   . MET A 1 39 ? -3.698  7.715   -10.869 1.00 30.85  ? 442  MET A O   1 
ATOM   297 C CB  . MET A 1 39 ? -6.793  8.021   -9.227  1.00 22.71  ? 442  MET A CB  1 
ATOM   298 C CG  . MET A 1 39 ? -7.647  7.036   -8.391  1.00 21.45  ? 442  MET A CG  1 
ATOM   299 S SD  . MET A 1 39 ? -8.955  7.788   -7.408  1.00 20.01  ? 442  MET A SD  1 
ATOM   300 C CE  . MET A 1 39 ? -8.029  8.455   -6.056  1.00 24.94  ? 442  MET A CE  1 
ATOM   301 N N   . ASP A 1 40 ? -5.164  9.343   -11.369 1.00 31.42  ? 443  ASP A N   1 
ATOM   302 C CA  . ASP A 1 40 ? -4.141  10.219  -11.964 1.00 34.51  ? 443  ASP A CA  1 
ATOM   303 C C   . ASP A 1 40 ? -2.978  10.611  -11.052 1.00 35.94  ? 443  ASP A C   1 
ATOM   304 O O   . ASP A 1 40 ? -1.826  10.357  -11.384 1.00 38.49  ? 443  ASP A O   1 
ATOM   305 C CB  . ASP A 1 40 ? -4.767  11.506  -12.514 1.00 36.40  ? 443  ASP A CB  1 
ATOM   306 C CG  . ASP A 1 40 ? -5.415  11.316  -13.876 1.00 38.33  ? 443  ASP A CG  1 
ATOM   307 O OD1 . ASP A 1 40 ? -4.937  10.465  -14.659 1.00 39.55  ? 443  ASP A OD1 1 
ATOM   308 O OD2 . ASP A 1 40 ? -6.395  12.041  -14.174 1.00 41.13  ? 443  ASP A OD2 1 
ATOM   309 N N   . ASN A 1 41 ? -3.260  11.215  -9.903  1.00 37.31  ? 444  ASN A N   1 
ATOM   310 C CA  . ASN A 1 41 ? -2.172  11.647  -9.032  1.00 38.19  ? 444  ASN A CA  1 
ATOM   311 C C   . ASN A 1 41 ? -2.061  10.993  -7.673  1.00 37.36  ? 444  ASN A C   1 
ATOM   312 O O   . ASN A 1 41 ? -1.246  11.397  -6.834  1.00 37.74  ? 444  ASN A O   1 
ATOM   313 C CB  . ASN A 1 41 ? -2.223  13.167  -8.889  1.00 39.17  ? 444  ASN A CB  1 
ATOM   314 C CG  . ASN A 1 41 ? -1.795  13.856  -10.153 1.00 40.80  ? 444  ASN A CG  1 
ATOM   315 O OD1 . ASN A 1 41 ? -0.610  13.853  -10.494 1.00 41.02  ? 444  ASN A OD1 1 
ATOM   316 N ND2 . ASN A 1 41 ? -2.757  14.418  -10.887 1.00 41.21  ? 444  ASN A ND2 1 
ATOM   317 N N   . ALA A 1 42 ? -2.868  9.961   -7.470  1.00 33.10  ? 445  ALA A N   1 
ATOM   318 C CA  . ALA A 1 42 ? -2.862  9.243   -6.228  1.00 30.24  ? 445  ALA A CA  1 
ATOM   319 C C   . ALA A 1 42 ? -3.374  7.847   -6.533  1.00 29.86  ? 445  ALA A C   1 
ATOM   320 O O   . ALA A 1 42 ? -3.998  7.619   -7.573  1.00 28.68  ? 445  ALA A O   1 
ATOM   321 C CB  . ALA A 1 42 ? -3.778  9.916   -5.251  1.00 29.91  ? 445  ALA A CB  1 
ATOM   322 N N   . SER A 1 43 ? -3.092  6.926   -5.622  1.00 27.42  ? 446  SER A N   1 
ATOM   323 C CA  . SER A 1 43 ? -3.550  5.562   -5.747  1.00 26.93  ? 446  SER A CA  1 
ATOM   324 C C   . SER A 1 43 ? -3.838  5.101   -4.343  1.00 23.87  ? 446  SER A C   1 
ATOM   325 O O   . SER A 1 43 ? -3.414  5.748   -3.381  1.00 28.29  ? 446  SER A O   1 
ATOM   326 C CB  . SER A 1 43 ? -2.458  4.688   -6.362  1.00 26.99  ? 446  SER A CB  1 
ATOM   327 O OG  . SER A 1 43 ? -2.239  5.060   -7.703  1.00 31.59  ? 446  SER A OG  1 
ATOM   328 N N   . TYR A 1 44 ? -4.599  4.023   -4.191  1.00 22.46  ? 447  TYR A N   1 
ATOM   329 C CA  . TYR A 1 44 ? -4.821  3.477   -2.869  1.00 20.15  ? 447  TYR A CA  1 
ATOM   330 C C   . TYR A 1 44 ? -4.955  1.986   -3.009  1.00 22.02  ? 447  TYR A C   1 
ATOM   331 O O   . TYR A 1 44 ? -5.119  1.475   -4.116  1.00 20.08  ? 447  TYR A O   1 
ATOM   332 C CB  . TYR A 1 44 ? -6.022  4.093   -2.131  1.00 19.88  ? 447  TYR A CB  1 
ATOM   333 C CG  . TYR A 1 44 ? -7.385  3.969   -2.778  1.00 18.14  ? 447  TYR A CG  1 
ATOM   334 C CD1 . TYR A 1 44 ? -8.188  2.856   -2.554  1.00 18.73  ? 447  TYR A CD1 1 
ATOM   335 C CD2 . TYR A 1 44 ? -7.876  4.987   -3.584  1.00 17.28  ? 447  TYR A CD2 1 
ATOM   336 C CE1 . TYR A 1 44 ? -9.481  2.759   -3.131  1.00 18.40  ? 447  TYR A CE1 1 
ATOM   337 C CE2 . TYR A 1 44 ? -9.151  4.903   -4.165  1.00 18.46  ? 447  TYR A CE2 1 
ATOM   338 C CZ  . TYR A 1 44 ? -9.940  3.788   -3.926  1.00 16.58  ? 447  TYR A CZ  1 
ATOM   339 O OH  . TYR A 1 44 ? -11.193 3.695   -4.489  1.00 14.99  ? 447  TYR A OH  1 
ATOM   340 N N   . VAL A 1 45 ? -4.778  1.287   -1.901  1.00 21.91  ? 448  VAL A N   1 
ATOM   341 C CA  . VAL A 1 45 ? -4.866  -0.164  -1.904  1.00 22.25  ? 448  VAL A CA  1 
ATOM   342 C C   . VAL A 1 45 ? -5.599  -0.572  -0.637  1.00 19.56  ? 448  VAL A C   1 
ATOM   343 O O   . VAL A 1 45 ? -5.368  -0.025  0.435   1.00 21.92  ? 448  VAL A O   1 
ATOM   344 C CB  . VAL A 1 45 ? -3.422  -0.811  -1.992  1.00 24.08  ? 448  VAL A CB  1 
ATOM   345 C CG1 . VAL A 1 45 ? -2.509  -0.187  -1.004  1.00 27.05  ? 448  VAL A CG1 1 
ATOM   346 C CG2 . VAL A 1 45 ? -3.489  -2.323  -1.752  1.00 24.08  ? 448  VAL A CG2 1 
ATOM   347 N N   . GLU A 1 46 ? -6.532  -1.510  -0.751  1.00 18.79  ? 449  GLU A N   1 
ATOM   348 C CA  . GLU A 1 46 ? -7.265  -1.978  0.411   1.00 18.49  ? 449  GLU A CA  1 
ATOM   349 C C   . GLU A 1 46 ? -6.427  -3.013  1.180   1.00 20.85  ? 449  GLU A C   1 
ATOM   350 O O   . GLU A 1 46 ? -6.012  -4.015  0.608   1.00 20.15  ? 449  GLU A O   1 
ATOM   351 C CB  . GLU A 1 46 ? -8.583  -2.623  -0.017  1.00 20.84  ? 449  GLU A CB  1 
ATOM   352 C CG  . GLU A 1 46 ? -9.516  -3.051  1.119   1.00 20.66  ? 449  GLU A CG  1 
ATOM   353 C CD  . GLU A 1 46 ? -10.398 -1.920  1.636   1.00 23.52  ? 449  GLU A CD  1 
ATOM   354 O OE1 . GLU A 1 46 ? -11.247 -1.411  0.867   1.00 25.42  ? 449  GLU A OE1 1 
ATOM   355 O OE2 . GLU A 1 46 ? -10.270 -1.536  2.807   1.00 24.93  ? 449  GLU A OE2 1 
ATOM   356 N N   . ILE A 1 47 ? -6.147  -2.745  2.453   1.00 20.12  ? 450  ILE A N   1 
ATOM   357 C CA  . ILE A 1 47 ? -5.395  -3.713  3.255   1.00 21.89  ? 450  ILE A CA  1 
ATOM   358 C C   . ILE A 1 47 ? -6.410  -4.532  4.051   1.00 22.69  ? 450  ILE A C   1 
ATOM   359 O O   . ILE A 1 47 ? -7.284  -3.992  4.744   1.00 24.53  ? 450  ILE A O   1 
ATOM   360 C CB  . ILE A 1 47 ? -4.400  -3.007  4.218   1.00 21.66  ? 450  ILE A CB  1 
ATOM   361 C CG1 . ILE A 1 47 ? -3.462  -2.130  3.400   1.00 20.71  ? 450  ILE A CG1 1 
ATOM   362 C CG2 . ILE A 1 47 ? -3.602  -4.073  5.054   1.00 20.16  ? 450  ILE A CG2 1 
ATOM   363 C CD1 . ILE A 1 47 ? -2.633  -2.903  2.388   1.00 22.70  ? 450  ILE A CD1 1 
ATOM   364 N N   . LEU A 1 48 ? -6.290  -5.852  3.955   1.00 24.08  ? 451  LEU A N   1 
ATOM   365 C CA  . LEU A 1 48 ? -7.228  -6.755  4.607   1.00 24.68  ? 451  LEU A CA  1 
ATOM   366 C C   . LEU A 1 48 ? -6.850  -7.264  5.990   1.00 26.54  ? 451  LEU A C   1 
ATOM   367 O O   . LEU A 1 48 ? -5.775  -6.981  6.506   1.00 25.15  ? 451  LEU A O   1 
ATOM   368 C CB  . LEU A 1 48 ? -7.461  -7.953  3.691   1.00 23.94  ? 451  LEU A CB  1 
ATOM   369 C CG  . LEU A 1 48 ? -7.746  -7.626  2.233   1.00 25.29  ? 451  LEU A CG  1 
ATOM   370 C CD1 . LEU A 1 48 ? -7.796  -8.940  1.416   1.00 26.77  ? 451  LEU A CD1 1 
ATOM   371 C CD2 . LEU A 1 48 ? -9.084  -6.864  2.133   1.00 26.50  ? 451  LEU A CD2 1 
ATOM   372 N N   . ASN A 1 49 ? -7.781  -7.999  6.587   1.00 27.13  ? 452  ASN A N   1 
ATOM   373 C CA  . ASN A 1 49 ? -7.580  -8.635  7.880   1.00 29.47  ? 452  ASN A CA  1 
ATOM   374 C C   . ASN A 1 49 ? -7.131  -7.776  9.050   1.00 30.04  ? 452  ASN A C   1 
ATOM   375 O O   . ASN A 1 49 ? -6.420  -8.249  9.943   1.00 31.02  ? 452  ASN A O   1 
ATOM   376 C CB  . ASN A 1 49 ? -6.622  -9.810  7.687   1.00 30.73  ? 452  ASN A CB  1 
ATOM   377 C CG  . ASN A 1 49 ? -7.098  -10.759 6.611   1.00 32.18  ? 452  ASN A CG  1 
ATOM   378 O OD1 . ASN A 1 49 ? -8.228  -11.246 6.666   1.00 33.75  ? 452  ASN A OD1 1 
ATOM   379 N ND2 . ASN A 1 49 ? -6.249  -11.028 5.622   1.00 31.81  ? 452  ASN A ND2 1 
ATOM   380 N N   . GLY A 1 50 ? -7.562  -6.520  9.052   1.00 28.06  ? 453  GLY A N   1 
ATOM   381 C CA  . GLY A 1 50 ? -7.239  -5.611  10.129  1.00 28.04  ? 453  GLY A CA  1 
ATOM   382 C C   . GLY A 1 50 ? -5.795  -5.167  10.196  1.00 26.07  ? 453  GLY A C   1 
ATOM   383 O O   . GLY A 1 50 ? -5.382  -4.564  11.180  1.00 27.93  ? 453  GLY A O   1 
ATOM   384 N N   . LYS A 1 51 ? -5.031  -5.424  9.143   1.00 25.95  ? 454  LYS A N   1 
ATOM   385 C CA  . LYS A 1 51 ? -3.620  -5.038  9.156   1.00 22.63  ? 454  LYS A CA  1 
ATOM   386 C C   . LYS A 1 51 ? -3.339  -3.651  8.598   1.00 22.04  ? 454  LYS A C   1 
ATOM   387 O O   . LYS A 1 51 ? -2.182  -3.256  8.495   1.00 19.98  ? 454  LYS A O   1 
ATOM   388 C CB  . LYS A 1 51 ? -2.809  -6.077  8.391   1.00 21.98  ? 454  LYS A CB  1 
ATOM   389 C CG  . LYS A 1 51 ? -3.052  -7.474  8.925   1.00 22.12  ? 454  LYS A CG  1 
ATOM   390 C CD  . LYS A 1 51 ? -2.078  -8.482  8.377   1.00 24.62  ? 454  LYS A CD  1 
ATOM   391 C CE  . LYS A 1 51 ? -2.333  -9.846  8.967   1.00 24.05  ? 454  LYS A CE  1 
ATOM   392 N NZ  . LYS A 1 51 ? -1.427  -10.863 8.376   1.00 24.15  ? 454  LYS A NZ  1 
ATOM   393 N N   . GLY A 1 52 ? -4.387  -2.904  8.236   1.00 22.83  ? 455  GLY A N   1 
ATOM   394 C CA  . GLY A 1 52 ? -4.167  -1.577  7.686   1.00 21.95  ? 455  GLY A CA  1 
ATOM   395 C C   . GLY A 1 52 ? -3.349  -0.625  8.544   1.00 22.60  ? 455  GLY A C   1 
ATOM   396 O O   . GLY A 1 52 ? -2.374  -0.052  8.065   1.00 22.22  ? 455  GLY A O   1 
ATOM   397 N N   . PRO A 1 53 ? -3.730  -0.412  9.810   1.00 22.82  ? 456  PRO A N   1 
ATOM   398 C CA  . PRO A 1 53 ? -3.001  0.489   10.705  1.00 24.01  ? 456  PRO A CA  1 
ATOM   399 C C   . PRO A 1 53 ? -1.532  0.115   10.829  1.00 22.06  ? 456  PRO A C   1 
ATOM   400 O O   . PRO A 1 53 ? -0.668  0.994   10.892  1.00 21.29  ? 456  PRO A O   1 
ATOM   401 C CB  . PRO A 1 53 ? -3.754  0.338   12.027  1.00 25.81  ? 456  PRO A CB  1 
ATOM   402 C CG  . PRO A 1 53 ? -5.190  0.222   11.539  1.00 27.68  ? 456  PRO A CG  1 
ATOM   403 C CD  . PRO A 1 53 ? -5.038  -0.782  10.387  1.00 26.31  ? 456  PRO A CD  1 
ATOM   404 N N   . HIS A 1 54 ? -1.261  -1.187  10.874  1.00 21.87  ? 457  HIS A N   1 
ATOM   405 C CA  . HIS A 1 54 ? 0.112   -1.686  10.981  1.00 20.54  ? 457  HIS A CA  1 
ATOM   406 C C   . HIS A 1 54 ? 0.893   -1.369  9.701   1.00 19.53  ? 457  HIS A C   1 
ATOM   407 O O   . HIS A 1 54 ? 2.002   -0.832  9.743   1.00 16.49  ? 457  HIS A O   1 
ATOM   408 C CB  . HIS A 1 54 ? 0.077   -3.202  11.269  1.00 19.52  ? 457  HIS A CB  1 
ATOM   409 C CG  . HIS A 1 54 ? 1.415   -3.889  11.165  1.00 20.32  ? 457  HIS A CG  1 
ATOM   410 N ND1 . HIS A 1 54 ? 2.516   -3.515  11.901  1.00 20.65  ? 457  HIS A ND1 1 
ATOM   411 C CD2 . HIS A 1 54 ? 1.810   -4.950  10.416  1.00 22.37  ? 457  HIS A CD2 1 
ATOM   412 C CE1 . HIS A 1 54 ? 3.529   -4.319  11.615  1.00 21.63  ? 457  HIS A CE1 1 
ATOM   413 N NE2 . HIS A 1 54 ? 3.128   -5.195  10.714  1.00 19.04  ? 457  HIS A NE2 1 
ATOM   414 N N   . VAL A 1 55 ? 0.307   -1.693  8.556   1.00 18.58  ? 458  VAL A N   1 
ATOM   415 C CA  . VAL A 1 55 ? 0.971   -1.418  7.287   1.00 18.65  ? 458  VAL A CA  1 
ATOM   416 C C   . VAL A 1 55 ? 1.260   0.072   7.142   1.00 18.17  ? 458  VAL A C   1 
ATOM   417 O O   . VAL A 1 55 ? 2.342   0.455   6.693   1.00 17.10  ? 458  VAL A O   1 
ATOM   418 C CB  . VAL A 1 55 ? 0.114   -1.944  6.083   1.00 16.81  ? 458  VAL A CB  1 
ATOM   419 C CG1 . VAL A 1 55 ? 0.710   -1.445  4.756   1.00 16.15  ? 458  VAL A CG1 1 
ATOM   420 C CG2 . VAL A 1 55 ? 0.083   -3.447  6.123   1.00 18.45  ? 458  VAL A CG2 1 
ATOM   421 N N   . LEU A 1 56 ? 0.309   0.925   7.527   1.00 19.95  ? 459  LEU A N   1 
ATOM   422 C CA  . LEU A 1 56 ? 0.544   2.368   7.437   1.00 22.12  ? 459  LEU A CA  1 
ATOM   423 C C   . LEU A 1 56 ? 1.745   2.805   8.297   1.00 20.21  ? 459  LEU A C   1 
ATOM   424 O O   . LEU A 1 56 ? 2.631   3.526   7.816   1.00 21.70  ? 459  LEU A O   1 
ATOM   425 C CB  . LEU A 1 56 ? -0.710  3.138   7.887   1.00 24.06  ? 459  LEU A CB  1 
ATOM   426 C CG  . LEU A 1 56 ? -0.589  4.670   7.999   1.00 26.26  ? 459  LEU A CG  1 
ATOM   427 C CD1 . LEU A 1 56 ? -0.129  5.285   6.711   1.00 26.07  ? 459  LEU A CD1 1 
ATOM   428 C CD2 . LEU A 1 56 ? -1.936  5.233   8.388   1.00 30.85  ? 459  LEU A CD2 1 
ATOM   429 N N   . LYS A 1 57 ? 1.775   2.376   9.563   1.00 21.61  ? 460  LYS A N   1 
ATOM   430 C CA  . LYS A 1 57 ? 2.884   2.763   10.448  1.00 22.14  ? 460  LYS A CA  1 
ATOM   431 C C   . LYS A 1 57 ? 4.229   2.264   9.936   1.00 22.06  ? 460  LYS A C   1 
ATOM   432 O O   . LYS A 1 57 ? 5.234   2.984   9.986   1.00 21.09  ? 460  LYS A O   1 
ATOM   433 C CB  . LYS A 1 57 ? 2.629   2.279   11.891  1.00 24.11  ? 460  LYS A CB  1 
ATOM   434 C CG  . LYS A 1 57 ? 1.506   3.054   12.588  1.00 27.38  ? 460  LYS A CG  1 
ATOM   435 C CD  . LYS A 1 57 ? 1.128   2.451   13.939  1.00 29.03  ? 460  LYS A CD  1 
ATOM   436 C CE  . LYS A 1 57 ? -0.175  3.065   14.478  1.00 32.44  ? 460  LYS A CE  1 
ATOM   437 N NZ  . LYS A 1 57 ? -0.530  2.507   15.823  1.00 37.43  ? 460  LYS A NZ  1 
ATOM   438 N N   . VAL A 1 58 ? 4.255   1.047   9.404   1.00 19.94  ? 461  VAL A N   1 
ATOM   439 C CA  . VAL A 1 58 ? 5.490   0.517   8.887   1.00 18.95  ? 461  VAL A CA  1 
ATOM   440 C C   . VAL A 1 58 ? 5.879   1.276   7.607   1.00 18.77  ? 461  VAL A C   1 
ATOM   441 O O   . VAL A 1 58 ? 7.039   1.634   7.419   1.00 19.90  ? 461  VAL A O   1 
ATOM   442 C CB  . VAL A 1 58 ? 5.346   -1.030  8.646   1.00 18.06  ? 461  VAL A CB  1 
ATOM   443 C CG1 . VAL A 1 58 ? 6.572   -1.574  7.913   1.00 18.80  ? 461  VAL A CG1 1 
ATOM   444 C CG2 . VAL A 1 58 ? 5.200   -1.759  10.026  1.00 16.99  ? 461  VAL A CG2 1 
ATOM   445 N N   . MET A 1 59 ? 4.908   1.586   6.740   1.00 20.57  ? 462  MET A N   1 
ATOM   446 C CA  . MET A 1 59 ? 5.253   2.293   5.499   1.00 21.75  ? 462  MET A CA  1 
ATOM   447 C C   . MET A 1 59 ? 5.726   3.743   5.698   1.00 23.74  ? 462  MET A C   1 
ATOM   448 O O   . MET A 1 59 ? 6.315   4.325   4.789   1.00 25.21  ? 462  MET A O   1 
ATOM   449 C CB  . MET A 1 59 ? 4.084   2.248   4.502   1.00 21.83  ? 462  MET A CB  1 
ATOM   450 C CG  . MET A 1 59 ? 3.769   0.860   3.942   1.00 23.43  ? 462  MET A CG  1 
ATOM   451 S SD  . MET A 1 59 ? 5.184   0.169   3.071   1.00 25.22  ? 462  MET A SD  1 
ATOM   452 C CE  . MET A 1 59 ? 5.268   1.168   1.586   1.00 26.67  ? 462  MET A CE  1 
ATOM   453 N N   . LYS A 1 60 ? 5.458   4.323   6.871   1.00 24.68  ? 463  LYS A N   1 
ATOM   454 C CA  . LYS A 1 60 ? 5.934   5.678   7.204   1.00 27.01  ? 463  LYS A CA  1 
ATOM   455 C C   . LYS A 1 60 ? 7.435   5.577   7.490   1.00 28.43  ? 463  LYS A C   1 
ATOM   456 O O   . LYS A 1 60 ? 8.137   6.580   7.656   1.00 28.52  ? 463  LYS A O   1 
ATOM   457 C CB  . LYS A 1 60 ? 5.260   6.188   8.484   1.00 27.51  ? 463  LYS A CB  1 
ATOM   458 C CG  . LYS A 1 60 ? 3.785   6.502   8.373   1.00 31.67  ? 463  LYS A CG  1 
ATOM   459 C CD  . LYS A 1 60 ? 3.582   7.842   7.716   1.00 34.28  ? 463  LYS A CD  1 
ATOM   460 C CE  . LYS A 1 60 ? 2.098   8.192   7.605   1.00 36.01  ? 463  LYS A CE  1 
ATOM   461 N NZ  . LYS A 1 60 ? 1.442   8.241   8.919   1.00 38.65  ? 463  LYS A NZ  1 
ATOM   462 N N   . ASN A 1 61 ? 7.921   4.347   7.589   1.00 29.56  ? 464  ASN A N   1 
ATOM   463 C CA  . ASN A 1 61 ? 9.331   4.082   7.886   1.00 31.26  ? 464  ASN A CA  1 
ATOM   464 C C   . ASN A 1 61 ? 9.957   3.220   6.760   1.00 31.41  ? 464  ASN A C   1 
ATOM   465 O O   . ASN A 1 61 ? 11.084  2.750   6.885   1.00 34.07  ? 464  ASN A O   1 
ATOM   466 C CB  . ASN A 1 61 ? 9.431   3.308   9.222   1.00 30.88  ? 464  ASN A CB  1 
ATOM   467 C CG  . ASN A 1 61 ? 9.029   4.134   10.445  1.00 33.09  ? 464  ASN A CG  1 
ATOM   468 O OD1 . ASN A 1 61 ? 9.878   4.777   11.086  1.00 33.97  ? 464  ASN A OD1 1 
ATOM   469 N ND2 . ASN A 1 61 ? 7.735   4.110   10.792  1.00 30.05  ? 464  ASN A ND2 1 
ATOM   470 N N   . THR A 1 62 ? 9.234   3.032   5.663   1.00 30.42  ? 465  THR A N   1 
ATOM   471 C CA  . THR A 1 62 ? 9.694   2.150   4.583   1.00 30.35  ? 465  THR A CA  1 
ATOM   472 C C   . THR A 1 62 ? 9.712   2.769   3.186   1.00 31.74  ? 465  THR A C   1 
ATOM   473 O O   . THR A 1 62 ? 8.695   3.267   2.690   1.00 33.00  ? 465  THR A O   1 
ATOM   474 C CB  . THR A 1 62 ? 8.809   0.876   4.589   1.00 27.93  ? 465  THR A CB  1 
ATOM   475 O OG1 . THR A 1 62 ? 8.898   0.276   5.891   1.00 26.68  ? 465  THR A OG1 1 
ATOM   476 C CG2 . THR A 1 62 ? 9.229   -0.146  3.506   1.00 25.72  ? 465  THR A CG2 1 
ATOM   477 N N   . THR A 1 63 ? 10.886  2.721   2.553   1.00 33.20  ? 466  THR A N   1 
ATOM   478 C CA  . THR A 1 63 ? 11.080  3.254   1.203   1.00 33.49  ? 466  THR A CA  1 
ATOM   479 C C   . THR A 1 63 ? 10.677  2.222   0.158   1.00 33.90  ? 466  THR A C   1 
ATOM   480 O O   . THR A 1 63 ? 10.715  1.014   0.410   1.00 33.54  ? 466  THR A O   1 
ATOM   481 C CB  . THR A 1 63 ? 12.560  3.633   0.948   1.00 33.31  ? 466  THR A CB  1 
ATOM   482 O OG1 . THR A 1 63 ? 13.385  2.463   1.073   1.00 32.59  ? 466  THR A OG1 1 
ATOM   483 C CG2 . THR A 1 63 ? 13.021  4.679   1.958   1.00 32.95  ? 466  THR A CG2 1 
ATOM   484 N N   . VAL A 1 64 ? 10.285  2.716   -1.011  1.00 34.57  ? 467  VAL A N   1 
ATOM   485 C CA  . VAL A 1 64 ? 9.870   1.878   -2.120  1.00 34.42  ? 467  VAL A CA  1 
ATOM   486 C C   . VAL A 1 64 ? 10.761  2.219   -3.322  1.00 35.44  ? 467  VAL A C   1 
ATOM   487 O O   . VAL A 1 64 ? 10.978  3.401   -3.619  1.00 35.37  ? 467  VAL A O   1 
ATOM   488 C CB  . VAL A 1 64 ? 8.388   2.145   -2.496  1.00 34.25  ? 467  VAL A CB  1 
ATOM   489 C CG1 . VAL A 1 64 ? 7.955   1.208   -3.605  1.00 35.68  ? 467  VAL A CG1 1 
ATOM   490 C CG2 . VAL A 1 64 ? 7.496   1.954   -1.288  1.00 35.12  ? 467  VAL A CG2 1 
ATOM   491 N N   . GLN A 1 68 ? 10.409  6.949   -0.569  1.00 41.03  ? 471  GLN A N   1 
ATOM   492 C CA  . GLN A 1 68 ? 9.522   7.138   0.579   1.00 40.88  ? 471  GLN A CA  1 
ATOM   493 C C   . GLN A 1 68 ? 8.242   7.878   0.212   1.00 40.31  ? 471  GLN A C   1 
ATOM   494 O O   . GLN A 1 68 ? 8.200   9.106   0.229   1.00 40.54  ? 471  GLN A O   1 
ATOM   495 C CB  . GLN A 1 68 ? 10.240  7.907   1.689   1.00 41.73  ? 471  GLN A CB  1 
ATOM   496 C CG  . GLN A 1 68 ? 9.360   8.214   2.909   1.00 41.54  ? 471  GLN A CG  1 
ATOM   497 C CD  . GLN A 1 68 ? 8.854   6.953   3.625   1.00 41.56  ? 471  GLN A CD  1 
ATOM   498 O OE1 . GLN A 1 68 ? 9.638   6.167   4.174   1.00 40.14  ? 471  GLN A OE1 1 
ATOM   499 N NE2 . GLN A 1 68 ? 7.538   6.768   3.626   1.00 39.30  ? 471  GLN A NE2 1 
ATOM   500 N N   . LEU A 1 69 ? 7.195   7.129   -0.107  1.00 40.01  ? 472  LEU A N   1 
ATOM   501 C CA  . LEU A 1 69 ? 5.918   7.727   -0.473  1.00 40.43  ? 472  LEU A CA  1 
ATOM   502 C C   . LEU A 1 69 ? 5.215   8.300   0.742   1.00 40.14  ? 472  LEU A C   1 
ATOM   503 O O   . LEU A 1 69 ? 5.513   7.932   1.885   1.00 40.15  ? 472  LEU A O   1 
ATOM   504 C CB  . LEU A 1 69 ? 4.988   6.686   -1.107  1.00 42.47  ? 472  LEU A CB  1 
ATOM   505 C CG  . LEU A 1 69 ? 5.267   6.163   -2.518  1.00 44.42  ? 472  LEU A CG  1 
ATOM   506 C CD1 . LEU A 1 69 ? 5.203   7.323   -3.498  1.00 44.83  ? 472  LEU A CD1 1 
ATOM   507 C CD2 . LEU A 1 69 ? 6.625   5.477   -2.563  1.00 45.18  ? 472  LEU A CD2 1 
ATOM   508 N N   . LYS A 1 70 ? 4.280   9.206   0.483   1.00 38.18  ? 473  LYS A N   1 
ATOM   509 C CA  . LYS A 1 70 ? 3.474   9.786   1.535   1.00 38.25  ? 473  LYS A CA  1 
ATOM   510 C C   . LYS A 1 70 ? 2.274   8.835   1.649   1.00 37.51  ? 473  LYS A C   1 
ATOM   511 O O   . LYS A 1 70 ? 1.543   8.607   0.680   1.00 35.91  ? 473  LYS A O   1 
ATOM   512 C CB  . LYS A 1 70 ? 3.034   11.205  1.140   1.00 40.03  ? 473  LYS A CB  1 
ATOM   513 C CG  . LYS A 1 70 ? 4.198   12.193  1.062   1.00 42.43  ? 473  LYS A CG  1 
ATOM   514 C CD  . LYS A 1 70 ? 3.743   13.588  0.639   1.00 45.93  ? 473  LYS A CD  1 
ATOM   515 C CE  . LYS A 1 70 ? 4.928   14.552  0.476   1.00 46.66  ? 473  LYS A CE  1 
ATOM   516 N NZ  . LYS A 1 70 ? 4.538   15.770  -0.305  1.00 47.79  ? 473  LYS A NZ  1 
ATOM   517 N N   . VAL A 1 71 ? 2.095   8.258   2.828   1.00 36.55  ? 474  VAL A N   1 
ATOM   518 C CA  . VAL A 1 71 ? 1.004   7.325   3.047   1.00 36.01  ? 474  VAL A CA  1 
ATOM   519 C C   . VAL A 1 71 ? 0.055   7.823   4.120   1.00 36.33  ? 474  VAL A C   1 
ATOM   520 O O   . VAL A 1 71 ? 0.469   8.454   5.093   1.00 35.72  ? 474  VAL A O   1 
ATOM   521 C CB  . VAL A 1 71 ? 1.541   5.919   3.455   1.00 36.34  ? 474  VAL A CB  1 
ATOM   522 C CG1 . VAL A 1 71 ? 2.196   5.252   2.261   1.00 37.19  ? 474  VAL A CG1 1 
ATOM   523 C CG2 . VAL A 1 71 ? 2.566   6.043   4.594   1.00 36.13  ? 474  VAL A CG2 1 
ATOM   524 N N   . ASN A 1 72 ? -1.226  7.549   3.930   1.00 35.17  ? 475  ASN A N   1 
ATOM   525 C CA  . ASN A 1 72 ? -2.224  7.940   4.900   1.00 36.65  ? 475  ASN A CA  1 
ATOM   526 C C   . ASN A 1 72 ? -3.473  7.109   4.690   1.00 37.80  ? 475  ASN A C   1 
ATOM   527 O O   . ASN A 1 72 ? -3.675  6.533   3.616   1.00 36.92  ? 475  ASN A O   1 
ATOM   528 C CB  . ASN A 1 72 ? -2.535  9.439   4.770   1.00 38.95  ? 475  ASN A CB  1 
ATOM   529 C CG  . ASN A 1 72 ? -2.979  9.829   3.368   1.00 39.84  ? 475  ASN A CG  1 
ATOM   530 O OD1 . ASN A 1 72 ? -4.122  9.597   2.977   1.00 41.27  ? 475  ASN A OD1 1 
ATOM   531 N ND2 . ASN A 1 72 ? -2.069  10.424  2.605   1.00 39.74  ? 475  ASN A ND2 1 
ATOM   532 N N   . LYS A 1 73 ? -4.289  7.032   5.730   1.00 39.11  ? 476  LYS A N   1 
ATOM   533 C CA  . LYS A 1 73 ? -5.538  6.291   5.686   1.00 41.58  ? 476  LYS A CA  1 
ATOM   534 C C   . LYS A 1 73 ? -6.497  7.071   4.805   1.00 43.54  ? 476  LYS A C   1 
ATOM   535 O O   . LYS A 1 73 ? -6.604  8.293   4.936   1.00 43.05  ? 476  LYS A O   1 
ATOM   536 C CB  . LYS A 1 73 ? -6.158  6.192   7.081   1.00 42.42  ? 476  LYS A CB  1 
ATOM   537 C CG  . LYS A 1 73 ? -5.242  5.642   8.159   1.00 44.93  ? 476  LYS A CG  1 
ATOM   538 C CD  . LYS A 1 73 ? -5.989  5.430   9.473   1.00 45.62  ? 476  LYS A CD  1 
ATOM   539 C CE  . LYS A 1 73 ? -5.096  4.736   10.500  1.00 46.77  ? 476  LYS A CE  1 
ATOM   540 N NZ  . LYS A 1 73 ? -5.820  4.377   11.759  1.00 48.69  ? 476  LYS A NZ  1 
ATOM   541 N N   . ALA A 1 74 ? -7.189  6.375   3.912   1.00 45.04  ? 477  ALA A N   1 
ATOM   542 C CA  . ALA A 1 74 ? -8.162  7.038   3.052   1.00 48.26  ? 477  ALA A CA  1 
ATOM   543 C C   . ALA A 1 74 ? -9.220  7.570   4.000   1.00 50.49  ? 477  ALA A C   1 
ATOM   544 O O   . ALA A 1 74 ? -9.305  8.774   4.252   1.00 51.42  ? 477  ALA A O   1 
ATOM   545 C CB  . ALA A 1 74 ? -8.787  6.040   2.100   1.00 47.79  ? 477  ALA A CB  1 
ATOM   546 N N   . ASN A 1 75 ? -10.007 6.628   4.515   1.00 52.88  ? 478  ASN A N   1 
ATOM   547 C CA  . ASN A 1 75 ? -11.096 6.844   5.464   1.00 54.56  ? 478  ASN A CA  1 
ATOM   548 C C   . ASN A 1 75 ? -10.978 8.161   6.229   1.00 54.58  ? 478  ASN A C   1 
ATOM   549 O O   . ASN A 1 75 ? -10.032 8.377   6.987   1.00 54.44  ? 478  ASN A O   1 
ATOM   550 C CB  . ASN A 1 75 ? -11.113 5.669   6.446   1.00 56.83  ? 478  ASN A CB  1 
ATOM   551 C CG  . ASN A 1 75 ? -12.508 5.270   6.863   1.00 58.00  ? 478  ASN A CG  1 
ATOM   552 O OD1 . ASN A 1 75 ? -13.366 4.998   6.024   1.00 58.25  ? 478  ASN A OD1 1 
ATOM   553 N ND2 . ASN A 1 75 ? -12.739 5.212   8.172   1.00 59.32  ? 478  ASN A ND2 1 
HETATM 554 S S   . SO4 B 2 .  ? 11.801  -2.319  -2.139  1.00 46.57  ? 2001 SO4 A S   1 
HETATM 555 O O1  . SO4 B 2 .  ? 12.982  -1.637  -1.567  1.00 47.47  ? 2001 SO4 A O1  1 
HETATM 556 O O2  . SO4 B 2 .  ? 10.874  -2.727  -1.062  1.00 47.38  ? 2001 SO4 A O2  1 
HETATM 557 O O3  . SO4 B 2 .  ? 11.131  -1.381  -3.063  1.00 47.65  ? 2001 SO4 A O3  1 
HETATM 558 O O4  . SO4 B 2 .  ? 12.230  -3.530  -2.884  1.00 48.01  ? 2001 SO4 A O4  1 
HETATM 559 S S   . SO4 C 2 .  ? -15.652 2.078   6.028   1.00 43.38  ? 2003 SO4 A S   1 
HETATM 560 O O1  . SO4 C 2 .  ? -14.885 1.924   7.289   1.00 44.54  ? 2003 SO4 A O1  1 
HETATM 561 O O2  . SO4 C 2 .  ? -15.789 0.756   5.387   1.00 45.60  ? 2003 SO4 A O2  1 
HETATM 562 O O3  . SO4 C 2 .  ? -17.007 2.626   6.322   1.00 42.20  ? 2003 SO4 A O3  1 
HETATM 563 O O4  . SO4 C 2 .  ? -14.908 2.959   5.111   1.00 44.32  ? 2003 SO4 A O4  1 
HETATM 564 O O   . HOH D 3 .  ? 9.559   -11.132 11.021  1.00 16.03  ? 1001 HOH A O   1 
HETATM 565 O O   . HOH D 3 .  ? -12.495 4.041   -7.104  1.00 20.70  ? 1002 HOH A O   1 
HETATM 566 O O   . HOH D 3 .  ? -8.669  -0.165  -3.767  1.00 21.28  ? 1003 HOH A O   1 
HETATM 567 O O   . HOH D 3 .  ? 5.773   -11.505 11.448  1.00 19.93  ? 1004 HOH A O   1 
HETATM 568 O O   . HOH D 3 .  ? 9.070   -2.727  5.875   1.00 22.49  ? 1005 HOH A O   1 
HETATM 569 O O   . HOH D 3 .  ? 6.388   -10.388 4.768   0.50 17.91  ? 1006 HOH A O   1 
HETATM 570 O O   . HOH D 3 .  ? 7.501   -11.782 14.824  1.00 29.08  ? 1007 HOH A O   1 
HETATM 571 O O   . HOH D 3 .  ? -11.586 1.011   -7.293  0.50 20.18  ? 1008 HOH A O   1 
HETATM 572 O O   . HOH D 3 .  ? 7.598   -8.547  -2.755  1.00 27.96  ? 1009 HOH A O   1 
HETATM 573 O O   . HOH D 3 .  ? 8.682   -3.900  3.262   1.00 29.64  ? 1010 HOH A O   1 
HETATM 574 O O   . HOH D 3 .  ? -0.818  9.901   0.634   1.00 32.91  ? 1011 HOH A O   1 
HETATM 575 O O   . HOH D 3 .  ? 7.058   5.773   13.033  1.00 31.50  ? 1012 HOH A O   1 
HETATM 576 O O   . HOH D 3 .  ? -5.448  8.705   -18.020 1.00 33.19  ? 1013 HOH A O   1 
HETATM 577 O O   . HOH D 3 .  ? -7.067  -2.913  8.002   1.00 37.25  ? 1014 HOH A O   1 
HETATM 578 O O   . HOH D 3 .  ? 8.761   -5.019  5.513   1.00 112.85 ? 1015 HOH A O   1 
HETATM 579 O O   . HOH D 3 .  ? -6.827  2.047   13.848  1.00 48.85  ? 1016 HOH A O   1 
HETATM 580 O O   . HOH D 3 .  ? -15.026 -0.125  2.902   1.00 26.99  ? 1017 HOH A O   1 
HETATM 581 O O   . HOH D 3 .  ? 12.950  0.603   7.264   1.00 30.40  ? 1018 HOH A O   1 
HETATM 582 O O   . HOH D 3 .  ? -9.042  11.723  -15.020 1.00 48.53  ? 1019 HOH A O   1 
HETATM 583 O O   . HOH D 3 .  ? -13.426 2.794   2.778   1.00 33.17  ? 1020 HOH A O   1 
HETATM 584 O O   . HOH D 3 .  ? -8.512  9.371   -13.893 1.00 34.74  ? 1021 HOH A O   1 
HETATM 585 O O   . HOH D 3 .  ? 9.265   -2.685  -4.650  1.00 40.80  ? 1022 HOH A O   1 
HETATM 586 O O   . HOH D 3 .  ? 11.398  7.225   6.632   1.00 47.01  ? 1023 HOH A O   1 
HETATM 587 O O   . HOH D 3 .  ? -1.458  16.908  -15.734 1.00 55.41  ? 1024 HOH A O   1 
HETATM 588 O O   . HOH D 3 .  ? 4.713   -12.010 1.768   0.50 20.73  ? 1025 HOH A O   1 
HETATM 589 O O   . HOH D 3 .  ? 3.622   -13.052 -0.114  0.50 27.46  ? 1026 HOH A O   1 
HETATM 590 O O   . HOH D 3 .  ? -3.327  8.960   8.206   1.00 43.02  ? 1027 HOH A O   1 
HETATM 591 O O   . HOH D 3 .  ? -5.510  -10.780 11.051  1.00 51.86  ? 1028 HOH A O   1 
HETATM 592 O O   . HOH D 3 .  ? 7.366   4.569   0.678   1.00 40.75  ? 1029 HOH A O   1 
HETATM 593 O O   . HOH D 3 .  ? -3.789  -13.409 -2.535  1.00 51.73  ? 1030 HOH A O   1 
HETATM 594 O O   . HOH D 3 .  ? 1.932   -15.133 0.270   1.00 33.87  ? 1031 HOH A O   1 
HETATM 595 O O   . HOH D 3 .  ? 8.294   -9.277  14.408  1.00 27.22  ? 1032 HOH A O   1 
HETATM 596 O O   . HOH D 3 .  ? 13.063  0.520   3.955   1.00 31.24  ? 1033 HOH A O   1 
HETATM 597 O O   . HOH D 3 .  ? -12.674 -0.527  3.855   1.00 37.72  ? 1034 HOH A O   1 
HETATM 598 O O   . HOH D 3 .  ? 10.949  -3.601  1.663   1.00 30.17  ? 1035 HOH A O   1 
HETATM 599 O O   . HOH D 3 .  ? -3.238  -3.084  11.731  1.00 32.70  ? 1036 HOH A O   1 
HETATM 600 O O   . HOH D 3 .  ? -10.585 -7.381  6.170   1.00 44.05  ? 1037 HOH A O   1 
HETATM 601 O O   . HOH D 3 .  ? -6.954  10.330  1.884   1.00 51.66  ? 1038 HOH A O   1 
HETATM 602 O O   . HOH D 3 .  ? -0.653  -13.609 5.361   1.00 40.43  ? 1039 HOH A O   1 
HETATM 603 O O   . HOH D 3 .  ? -2.810  10.618  -1.711  1.00 36.36  ? 1040 HOH A O   1 
HETATM 604 O O   . HOH D 3 .  ? 3.298   10.147  15.673  1.00 56.31  ? 1041 HOH A O   1 
HETATM 605 O O   . HOH D 3 .  ? 7.379   9.151   6.300   1.00 40.06  ? 1042 HOH A O   1 
HETATM 606 O O   . HOH D 3 .  ? -8.254  11.059  -17.348 1.00 38.35  ? 1043 HOH A O   1 
HETATM 607 O O   . HOH D 3 .  ? 4.879   4.914   12.294  1.00 43.41  ? 1044 HOH A O   1 
HETATM 608 O O   . HOH D 3 .  ? 7.029   8.230   11.487  1.00 46.76  ? 1045 HOH A O   1 
HETATM 609 O O   . HOH D 3 .  ? 3.477   9.674   4.827   1.00 45.71  ? 1046 HOH A O   1 
HETATM 610 O O   . HOH D 3 .  ? -3.652  -12.923 6.891   1.00 37.89  ? 1047 HOH A O   1 
HETATM 611 O O   . HOH D 3 .  ? 5.973   -10.155 -3.941  1.00 42.40  ? 1048 HOH A O   1 
# 
